data_7U63
#
_entry.id   7U63
#
_cell.length_a   67.624
_cell.length_b   67.989
_cell.length_c   85.623
_cell.angle_alpha   69.130
_cell.angle_beta   67.600
_cell.angle_gamma   68.640
#
_symmetry.space_group_name_H-M   'P 1'
#
loop_
_entity.id
_entity.type
_entity.pdbx_description
1 polymer 'HY2-A12 Fab Light Chain'
2 polymer 'HY2-A12 Fab Heavy Chain'
3 non-polymer 14-hydroxy-3-methoxy-17-methyl-5beta-4,5-epoxymorphinan-6-one
4 water water
#
loop_
_entity_poly.entity_id
_entity_poly.type
_entity_poly.pdbx_seq_one_letter_code
_entity_poly.pdbx_strand_id
1 'polypeptide(L)'
;QAVVTQESALTTSPGETVTLTCRSSTGAVTSSNYANWVQEKPDHLFTGLIGGTNNRAPGVPARFSGSLIGDKAALTITGA
QTEDEAIYFCALWYSNHLVFGGGTKLTVLGQPKSSPSVTLFPPSSEELETNKATLVCTITDFYPGVVTVDWKVDGTPVTQ
GMETTQPSKQSNNKYMASSYLTLTARAWERHSSYSCQVTHEGHTVEKSLSRADCS
;
L,A,C
2 'polypeptide(L)'
;QVQLQQSGAELARPGASVKLSCKASGYTSTDYYINWVKQRTGQGLEWIGEIYPGSGNTYYNEKFKGKATLTADKSSSTAY
MQLSSLTSEDSAVYFCTRGGVYYGYDDAWFVYWGQGTLVTVSAAKTTAPSVYPLAPVCGDTTGSSVTLGCLVKGYFPEPV
TLTWNSGSLSSGVHTFPAVLQSDLYTLSSSVTVTSSTWPSQSITCNVAHPASSTKVDKKIEPRG
;
H,B,D
#
loop_
_chem_comp.id
_chem_comp.type
_chem_comp.name
_chem_comp.formula
OOX non-polymer 14-hydroxy-3-methoxy-17-methyl-5beta-4,5-epoxymorphinan-6-one 'C18 H21 N O4'
#
# COMPACT_ATOMS: atom_id res chain seq x y z
N GLN A 1 -8.55 35.55 14.57
CA GLN A 1 -8.57 36.06 13.20
C GLN A 1 -9.93 36.64 12.85
N ALA A 2 -10.12 36.98 11.59
CA ALA A 2 -11.44 37.35 11.11
C ALA A 2 -12.37 36.15 11.15
N VAL A 3 -13.67 36.45 11.14
CA VAL A 3 -14.71 35.43 11.13
C VAL A 3 -15.51 35.59 9.85
N VAL A 4 -15.76 34.46 9.18
CA VAL A 4 -16.47 34.46 7.90
C VAL A 4 -17.82 33.80 8.10
N THR A 5 -18.88 34.47 7.68
CA THR A 5 -20.24 34.07 7.99
C THR A 5 -21.02 33.76 6.72
N GLN A 6 -21.66 32.60 6.71
CA GLN A 6 -22.51 32.14 5.63
C GLN A 6 -23.87 31.81 6.23
N GLU A 7 -24.88 31.70 5.37
CA GLU A 7 -26.14 31.12 5.80
C GLU A 7 -25.89 29.71 6.32
N SER A 8 -26.60 29.34 7.40
CA SER A 8 -26.50 27.97 7.88
C SER A 8 -27.13 27.00 6.91
N ALA A 9 -28.26 27.37 6.30
CA ALA A 9 -28.94 26.49 5.37
C ALA A 9 -29.76 27.33 4.39
N LEU A 10 -29.96 26.79 3.20
CA LEU A 10 -30.77 27.45 2.18
C LEU A 10 -31.50 26.39 1.38
N THR A 11 -32.63 26.78 0.79
CA THR A 11 -33.48 25.89 0.03
C THR A 11 -33.69 26.44 -1.38
N THR A 12 -33.68 25.54 -2.36
CA THR A 12 -33.99 25.90 -3.74
C THR A 12 -34.75 24.74 -4.38
N SER A 13 -35.33 25.01 -5.54
CA SER A 13 -36.02 24.00 -6.32
C SER A 13 -35.32 23.81 -7.66
N PRO A 14 -35.45 22.64 -8.28
CA PRO A 14 -34.83 22.42 -9.60
C PRO A 14 -35.23 23.49 -10.60
N GLY A 15 -34.22 24.08 -11.24
CA GLY A 15 -34.44 25.14 -12.20
C GLY A 15 -34.42 26.54 -11.65
N GLU A 16 -34.47 26.71 -10.32
CA GLU A 16 -34.46 28.04 -9.75
C GLU A 16 -33.05 28.62 -9.73
N THR A 17 -32.96 29.89 -9.33
CA THR A 17 -31.70 30.58 -9.14
C THR A 17 -31.56 30.96 -7.68
N VAL A 18 -30.48 30.53 -7.04
CA VAL A 18 -30.24 30.79 -5.63
C VAL A 18 -28.86 31.42 -5.47
N THR A 19 -28.75 32.35 -4.54
CA THR A 19 -27.49 33.05 -4.26
C THR A 19 -27.06 32.77 -2.82
N LEU A 20 -25.85 32.27 -2.67
CA LEU A 20 -25.24 32.04 -1.37
C LEU A 20 -24.26 33.17 -1.10
N THR A 21 -24.19 33.61 0.15
CA THR A 21 -23.38 34.77 0.49
C THR A 21 -22.33 34.42 1.54
N CYS A 22 -21.29 35.24 1.58
CA CYS A 22 -20.09 34.97 2.36
C CYS A 22 -19.58 36.32 2.86
N ARG A 23 -19.79 36.60 4.14
CA ARG A 23 -19.51 37.89 4.73
C ARG A 23 -18.23 37.84 5.57
N SER A 24 -17.56 38.98 5.68
CA SER A 24 -16.34 39.13 6.45
C SER A 24 -16.61 39.96 7.70
N SER A 25 -16.05 39.53 8.83
CA SER A 25 -16.23 40.25 10.08
C SER A 25 -15.45 41.57 10.13
N THR A 26 -14.51 41.79 9.21
CA THR A 26 -13.64 42.96 9.27
C THR A 26 -14.16 44.15 8.50
N GLY A 27 -15.13 43.95 7.61
CA GLY A 27 -15.60 44.99 6.73
C GLY A 27 -16.07 44.37 5.42
N ALA A 28 -16.08 45.19 4.38
CA ALA A 28 -16.48 44.71 3.07
C ALA A 28 -15.53 43.61 2.60
N VAL A 29 -16.07 42.66 1.84
CA VAL A 29 -15.24 41.66 1.18
C VAL A 29 -14.63 42.31 -0.06
N THR A 30 -13.30 42.35 -0.12
CA THR A 30 -12.58 42.98 -1.21
C THR A 30 -12.14 41.93 -2.22
N SER A 31 -11.71 42.40 -3.39
CA SER A 31 -11.06 41.52 -4.34
C SER A 31 -9.74 41.00 -3.81
N SER A 32 -9.13 41.68 -2.84
CA SER A 32 -7.92 41.20 -2.19
C SER A 32 -8.19 40.07 -1.20
N ASN A 33 -9.46 39.74 -0.95
CA ASN A 33 -9.78 38.54 -0.19
C ASN A 33 -9.77 37.28 -1.05
N TYR A 34 -9.76 37.44 -2.38
CA TYR A 34 -9.66 36.34 -3.35
C TYR A 34 -10.56 35.18 -2.93
N ALA A 35 -11.86 35.47 -2.94
CA ALA A 35 -12.84 34.56 -2.36
C ALA A 35 -12.87 33.22 -3.09
N ASN A 36 -12.72 32.14 -2.34
CA ASN A 36 -12.85 30.79 -2.87
C ASN A 36 -14.16 30.19 -2.41
N TRP A 37 -14.63 29.20 -3.19
CA TRP A 37 -15.80 28.42 -2.83
C TRP A 37 -15.48 26.94 -3.03
N VAL A 38 -15.92 26.12 -2.09
CA VAL A 38 -15.71 24.68 -2.13
C VAL A 38 -17.05 24.01 -1.92
N GLN A 39 -17.33 23.00 -2.72
CA GLN A 39 -18.54 22.21 -2.61
C GLN A 39 -18.21 20.88 -1.96
N GLU A 40 -18.95 20.53 -0.92
CA GLU A 40 -18.83 19.22 -0.28
C GLU A 40 -20.10 18.42 -0.55
N LYS A 41 -19.95 17.32 -1.25
CA LYS A 41 -20.99 16.33 -1.42
C LYS A 41 -20.74 15.15 -0.49
N PRO A 42 -21.75 14.28 -0.25
CA PRO A 42 -21.55 13.15 0.67
C PRO A 42 -20.30 12.33 0.38
N ASP A 43 -19.78 11.66 1.42
CA ASP A 43 -18.59 10.81 1.33
C ASP A 43 -17.33 11.64 1.06
N HIS A 44 -17.27 12.83 1.62
CA HIS A 44 -16.09 13.70 1.54
C HIS A 44 -15.67 13.95 0.09
N LEU A 45 -16.65 14.19 -0.77
CA LEU A 45 -16.36 14.50 -2.17
C LEU A 45 -16.35 16.02 -2.32
N PHE A 46 -15.14 16.59 -2.36
CA PHE A 46 -14.95 18.03 -2.42
C PHE A 46 -14.60 18.46 -3.84
N THR A 47 -15.12 19.62 -4.24
CA THR A 47 -14.81 20.20 -5.55
C THR A 47 -14.53 21.69 -5.35
N GLY A 48 -13.35 22.13 -5.79
CA GLY A 48 -13.05 23.54 -5.82
C GLY A 48 -13.84 24.22 -6.91
N LEU A 49 -14.76 25.11 -6.53
CA LEU A 49 -15.65 25.73 -7.51
C LEU A 49 -15.09 27.03 -8.05
N ILE A 50 -14.66 27.92 -7.16
CA ILE A 50 -14.38 29.31 -7.49
C ILE A 50 -13.05 29.72 -6.88
N GLY A 51 -12.27 30.48 -7.65
CA GLY A 51 -11.14 31.20 -7.12
C GLY A 51 -11.21 32.66 -7.55
N GLY A 52 -10.42 33.49 -6.87
CA GLY A 52 -10.34 34.91 -7.18
C GLY A 52 -11.69 35.57 -7.37
N THR A 53 -12.57 35.42 -6.38
CA THR A 53 -13.93 35.95 -6.39
C THR A 53 -14.82 35.32 -7.46
N ASN A 54 -14.37 35.27 -8.72
CA ASN A 54 -15.28 34.88 -9.78
C ASN A 54 -14.68 34.01 -10.88
N ASN A 55 -13.49 33.46 -10.69
CA ASN A 55 -12.90 32.56 -11.69
C ASN A 55 -13.40 31.14 -11.43
N ARG A 56 -14.27 30.66 -12.30
CA ARG A 56 -14.81 29.31 -12.18
C ARG A 56 -13.77 28.30 -12.66
N ALA A 57 -13.59 27.24 -11.87
CA ALA A 57 -12.50 26.29 -12.08
C ALA A 57 -12.79 25.38 -13.27
N PRO A 58 -11.74 24.90 -13.93
CA PRO A 58 -11.92 23.96 -15.05
C PRO A 58 -12.72 22.73 -14.63
N GLY A 59 -13.75 22.40 -15.42
CA GLY A 59 -14.61 21.28 -15.15
C GLY A 59 -15.90 21.61 -14.42
N VAL A 60 -16.01 22.81 -13.86
CA VAL A 60 -17.18 23.20 -13.08
C VAL A 60 -18.27 23.69 -14.03
N PRO A 61 -19.52 23.27 -13.87
CA PRO A 61 -20.58 23.71 -14.78
C PRO A 61 -20.75 25.22 -14.79
N ALA A 62 -21.21 25.74 -15.92
CA ALA A 62 -21.35 27.18 -16.11
C ALA A 62 -22.42 27.79 -15.22
N ARG A 63 -23.37 26.98 -14.73
CA ARG A 63 -24.42 27.52 -13.88
C ARG A 63 -23.88 28.06 -12.56
N PHE A 64 -22.66 27.68 -12.19
CA PHE A 64 -22.00 28.24 -11.02
C PHE A 64 -21.27 29.52 -11.39
N SER A 65 -21.46 30.56 -10.58
CA SER A 65 -20.76 31.82 -10.80
C SER A 65 -20.54 32.50 -9.46
N GLY A 66 -19.35 33.08 -9.29
CA GLY A 66 -19.05 33.85 -8.10
C GLY A 66 -19.02 35.32 -8.41
N SER A 67 -19.11 36.18 -7.39
CA SER A 67 -19.12 37.62 -7.57
C SER A 67 -19.14 38.28 -6.20
N LEU A 68 -18.97 39.60 -6.20
CA LEU A 68 -19.22 40.44 -5.04
C LEU A 68 -20.59 41.07 -5.20
N ILE A 69 -21.38 41.05 -4.12
CA ILE A 69 -22.71 41.65 -4.09
C ILE A 69 -22.76 42.53 -2.85
N GLY A 70 -22.67 43.85 -3.06
CA GLY A 70 -22.62 44.74 -1.92
C GLY A 70 -21.30 44.62 -1.20
N ASP A 71 -21.35 44.42 0.11
CA ASP A 71 -20.16 44.33 0.95
C ASP A 71 -19.70 42.89 1.17
N LYS A 72 -20.19 41.94 0.39
CA LYS A 72 -19.91 40.54 0.62
C LYS A 72 -19.66 39.81 -0.69
N ALA A 73 -19.05 38.63 -0.57
CA ALA A 73 -18.87 37.72 -1.69
C ALA A 73 -20.08 36.80 -1.80
N ALA A 74 -20.26 36.22 -2.99
CA ALA A 74 -21.47 35.45 -3.23
C ALA A 74 -21.25 34.39 -4.30
N LEU A 75 -22.03 33.32 -4.19
CA LEU A 75 -22.05 32.24 -5.17
C LEU A 75 -23.48 32.10 -5.67
N THR A 76 -23.69 32.22 -6.98
CA THR A 76 -25.00 32.13 -7.58
C THR A 76 -25.08 30.86 -8.43
N ILE A 77 -26.13 30.08 -8.21
CA ILE A 77 -26.40 28.89 -9.00
C ILE A 77 -27.61 29.19 -9.86
N THR A 78 -27.40 29.35 -11.16
CA THR A 78 -28.45 29.74 -12.09
C THR A 78 -28.94 28.50 -12.82
N GLY A 79 -30.11 28.01 -12.43
CA GLY A 79 -30.63 26.76 -12.95
C GLY A 79 -30.16 25.58 -12.13
N ALA A 80 -30.50 25.57 -10.85
CA ALA A 80 -30.00 24.55 -9.94
C ALA A 80 -30.52 23.17 -10.34
N GLN A 81 -29.66 22.18 -10.22
CA GLN A 81 -29.98 20.79 -10.52
C GLN A 81 -29.96 19.96 -9.23
N THR A 82 -30.46 18.73 -9.34
CA THR A 82 -30.49 17.84 -8.17
C THR A 82 -29.10 17.59 -7.62
N GLU A 83 -28.11 17.41 -8.50
CA GLU A 83 -26.74 17.13 -8.08
C GLU A 83 -26.11 18.28 -7.33
N ASP A 84 -26.72 19.46 -7.32
CA ASP A 84 -26.20 20.61 -6.61
C ASP A 84 -26.56 20.63 -5.13
N GLU A 85 -27.33 19.65 -4.66
CA GLU A 85 -27.53 19.49 -3.21
C GLU A 85 -26.20 19.16 -2.56
N ALA A 86 -25.71 20.07 -1.71
CA ALA A 86 -24.39 19.92 -1.12
C ALA A 86 -24.22 20.99 -0.04
N ILE A 87 -23.07 20.95 0.63
CA ILE A 87 -22.63 22.00 1.54
C ILE A 87 -21.59 22.84 0.81
N TYR A 88 -21.79 24.15 0.82
CA TYR A 88 -20.91 25.07 0.12
C TYR A 88 -20.12 25.89 1.13
N PHE A 89 -18.80 25.77 1.09
CA PHE A 89 -17.90 26.54 1.94
C PHE A 89 -17.27 27.66 1.13
N CYS A 90 -17.25 28.86 1.69
CA CYS A 90 -16.46 29.95 1.15
C CYS A 90 -15.22 30.14 2.02
N ALA A 91 -14.22 30.80 1.45
CA ALA A 91 -12.97 31.04 2.16
C ALA A 91 -12.37 32.35 1.69
N LEU A 92 -11.86 33.13 2.63
CA LEU A 92 -11.34 34.46 2.35
C LEU A 92 -9.88 34.55 2.78
N TRP A 93 -9.07 35.20 1.95
CA TRP A 93 -7.65 35.38 2.22
C TRP A 93 -7.42 36.75 2.85
N TYR A 94 -6.74 36.77 4.00
CA TYR A 94 -6.43 38.03 4.67
C TYR A 94 -4.92 38.28 4.65
N SER A 95 -4.37 38.50 3.45
CA SER A 95 -2.97 38.85 3.22
C SER A 95 -2.00 37.71 3.52
N ASN A 96 -2.11 37.08 4.70
CA ASN A 96 -1.19 35.99 5.04
C ASN A 96 -1.86 34.77 5.65
N HIS A 97 -3.19 34.68 5.63
CA HIS A 97 -3.86 33.50 6.17
C HIS A 97 -5.25 33.41 5.56
N LEU A 98 -5.83 32.22 5.68
CA LEU A 98 -7.12 31.90 5.09
C LEU A 98 -8.12 31.52 6.18
N VAL A 99 -9.39 31.88 5.96
CA VAL A 99 -10.47 31.56 6.89
C VAL A 99 -11.64 31.01 6.10
N PHE A 100 -12.14 29.85 6.53
CA PHE A 100 -13.35 29.27 5.97
C PHE A 100 -14.59 29.84 6.65
N GLY A 101 -15.64 30.03 5.87
CA GLY A 101 -16.95 30.26 6.44
C GLY A 101 -17.49 28.97 7.06
N GLY A 102 -18.58 29.12 7.81
CA GLY A 102 -19.19 27.96 8.44
C GLY A 102 -19.86 26.99 7.48
N GLY A 103 -20.04 27.39 6.23
CA GLY A 103 -20.69 26.52 5.27
C GLY A 103 -22.20 26.72 5.23
N THR A 104 -22.77 26.51 4.04
CA THR A 104 -24.20 26.58 3.82
C THR A 104 -24.69 25.24 3.27
N LYS A 105 -25.62 24.61 3.99
CA LYS A 105 -26.27 23.41 3.47
C LYS A 105 -27.33 23.83 2.46
N LEU A 106 -27.16 23.42 1.21
CA LEU A 106 -28.13 23.70 0.17
C LEU A 106 -28.96 22.45 -0.09
N THR A 107 -30.25 22.55 0.17
CA THR A 107 -31.21 21.51 -0.20
C THR A 107 -31.86 21.88 -1.51
N VAL A 108 -31.86 20.96 -2.46
CA VAL A 108 -32.64 21.08 -3.69
C VAL A 108 -33.89 20.24 -3.50
N LEU A 109 -35.05 20.89 -3.42
CA LEU A 109 -36.27 20.23 -2.99
C LEU A 109 -36.68 19.11 -3.92
N GLY A 110 -37.05 17.97 -3.34
CA GLY A 110 -37.50 16.82 -4.10
C GLY A 110 -38.70 16.13 -3.48
N GLN A 111 -39.30 16.77 -2.48
CA GLN A 111 -40.50 16.28 -1.83
C GLN A 111 -41.06 17.41 -0.96
N PRO A 112 -42.37 17.37 -0.64
CA PRO A 112 -42.94 18.45 0.16
C PRO A 112 -42.29 18.55 1.53
N LYS A 113 -42.33 19.76 2.10
CA LYS A 113 -41.88 19.97 3.46
C LYS A 113 -42.57 18.99 4.41
N SER A 114 -41.86 18.61 5.45
CA SER A 114 -42.39 17.68 6.45
C SER A 114 -41.88 18.10 7.82
N SER A 115 -42.81 18.30 8.75
CA SER A 115 -42.46 18.74 10.10
C SER A 115 -42.00 17.56 10.94
N PRO A 116 -41.17 17.83 11.96
CA PRO A 116 -40.59 16.73 12.74
C PRO A 116 -41.62 15.99 13.57
N SER A 117 -41.56 14.66 13.53
CA SER A 117 -42.30 13.81 14.46
C SER A 117 -41.43 13.57 15.68
N VAL A 118 -41.94 13.93 16.86
CA VAL A 118 -41.12 14.00 18.07
C VAL A 118 -41.67 13.03 19.11
N THR A 119 -40.77 12.30 19.74
CA THR A 119 -41.08 11.42 20.86
C THR A 119 -40.03 11.62 21.95
N LEU A 120 -40.48 11.62 23.20
CA LEU A 120 -39.60 11.84 24.33
C LEU A 120 -39.79 10.73 25.34
N PHE A 121 -38.68 10.07 25.71
CA PHE A 121 -38.68 8.90 26.59
C PHE A 121 -38.07 9.25 27.94
N PRO A 122 -38.63 8.71 29.03
CA PRO A 122 -38.07 8.95 30.36
C PRO A 122 -36.90 8.02 30.63
N PRO A 123 -36.15 8.23 31.71
CA PRO A 123 -35.12 7.25 32.06
C PRO A 123 -35.74 5.96 32.56
N SER A 124 -35.11 4.85 32.21
CA SER A 124 -35.62 3.56 32.64
C SER A 124 -35.35 3.35 34.12
N SER A 125 -36.07 2.38 34.70
CA SER A 125 -35.80 1.98 36.08
C SER A 125 -34.35 1.54 36.22
N GLU A 126 -33.89 0.68 35.31
CA GLU A 126 -32.55 0.10 35.43
C GLU A 126 -31.46 1.15 35.34
N GLU A 127 -31.68 2.21 34.57
CA GLU A 127 -30.68 3.29 34.53
C GLU A 127 -30.64 4.04 35.85
N LEU A 128 -31.81 4.28 36.45
CA LEU A 128 -31.86 4.98 37.72
C LEU A 128 -31.15 4.21 38.83
N GLU A 129 -31.08 2.88 38.71
CA GLU A 129 -30.35 2.06 39.68
C GLU A 129 -28.84 2.23 39.59
N THR A 130 -28.34 2.98 38.60
CA THR A 130 -26.97 3.48 38.61
C THR A 130 -26.89 4.92 39.09
N ASN A 131 -28.01 5.48 39.55
CA ASN A 131 -28.12 6.89 39.94
C ASN A 131 -27.80 7.82 38.77
N LYS A 132 -28.19 7.40 37.56
CA LYS A 132 -28.11 8.22 36.37
C LYS A 132 -29.46 8.24 35.68
N ALA A 133 -29.69 9.28 34.89
CA ALA A 133 -30.97 9.44 34.21
C ALA A 133 -30.73 10.12 32.87
N THR A 134 -31.10 9.45 31.78
CA THR A 134 -30.95 9.98 30.43
C THR A 134 -32.32 10.11 29.78
N LEU A 135 -32.62 11.31 29.29
CA LEU A 135 -33.85 11.58 28.57
C LEU A 135 -33.57 11.56 27.08
N VAL A 136 -34.34 10.77 26.33
CA VAL A 136 -34.09 10.53 24.93
C VAL A 136 -35.18 11.22 24.11
N CYS A 137 -34.77 12.13 23.25
CA CYS A 137 -35.67 12.84 22.35
C CYS A 137 -35.40 12.35 20.93
N THR A 138 -36.33 11.58 20.37
CA THR A 138 -36.21 11.10 19.01
C THR A 138 -37.01 12.01 18.08
N ILE A 139 -36.40 12.33 16.93
CA ILE A 139 -36.92 13.32 15.99
C ILE A 139 -36.82 12.70 14.60
N THR A 140 -37.96 12.53 13.93
CA THR A 140 -38.00 11.79 12.67
C THR A 140 -38.89 12.47 11.65
N ASP A 141 -38.66 12.12 10.38
CA ASP A 141 -39.54 12.44 9.26
C ASP A 141 -39.62 13.93 8.96
N PHE A 142 -38.55 14.68 9.22
CA PHE A 142 -38.55 16.09 8.88
C PHE A 142 -37.73 16.34 7.61
N TYR A 143 -38.17 17.33 6.85
CA TYR A 143 -37.59 17.71 5.59
C TYR A 143 -37.89 19.20 5.37
N PRO A 144 -36.88 20.02 5.08
CA PRO A 144 -35.45 19.75 4.93
C PRO A 144 -34.77 19.27 6.22
N GLY A 145 -33.59 18.68 6.09
CA GLY A 145 -32.91 18.08 7.22
C GLY A 145 -32.13 19.05 8.08
N VAL A 146 -32.82 20.06 8.59
CA VAL A 146 -32.21 21.12 9.41
C VAL A 146 -33.13 21.36 10.60
N VAL A 147 -32.60 21.15 11.81
CA VAL A 147 -33.39 21.35 13.03
C VAL A 147 -32.51 21.94 14.12
N THR A 148 -33.14 22.67 15.03
CA THR A 148 -32.56 23.11 16.29
C THR A 148 -33.29 22.43 17.43
N VAL A 149 -32.55 22.05 18.48
CA VAL A 149 -33.13 21.39 19.63
C VAL A 149 -32.87 22.25 20.87
N ASP A 150 -33.88 22.40 21.71
CA ASP A 150 -33.77 23.07 22.99
C ASP A 150 -34.57 22.29 24.02
N TRP A 151 -34.01 22.13 25.22
CA TRP A 151 -34.67 21.42 26.30
C TRP A 151 -35.12 22.39 27.38
N LYS A 152 -36.06 21.92 28.21
CA LYS A 152 -36.55 22.70 29.34
C LYS A 152 -36.74 21.80 30.55
N VAL A 153 -36.57 22.38 31.73
CA VAL A 153 -36.91 21.74 32.98
C VAL A 153 -37.87 22.64 33.74
N ASP A 154 -39.06 22.12 34.04
CA ASP A 154 -40.12 22.89 34.68
C ASP A 154 -40.29 24.27 34.04
N GLY A 155 -40.17 24.33 32.70
CA GLY A 155 -40.32 25.57 31.98
C GLY A 155 -39.04 26.37 31.77
N THR A 156 -38.02 26.17 32.60
CA THR A 156 -36.80 26.95 32.46
C THR A 156 -35.87 26.33 31.42
N PRO A 157 -35.11 27.15 30.69
CA PRO A 157 -34.25 26.62 29.63
C PRO A 157 -33.03 25.91 30.21
N VAL A 158 -32.75 24.71 29.70
CA VAL A 158 -31.59 23.94 30.12
C VAL A 158 -30.38 24.39 29.31
N THR A 159 -29.20 24.37 29.96
CA THR A 159 -27.98 24.85 29.34
C THR A 159 -26.80 23.87 29.43
N GLN A 160 -26.97 22.74 30.10
CA GLN A 160 -25.88 21.79 30.33
C GLN A 160 -26.39 20.36 30.20
N GLY A 161 -25.50 19.47 29.77
CA GLY A 161 -25.84 18.06 29.70
C GLY A 161 -26.66 17.64 28.50
N MET A 162 -26.57 18.37 27.39
CA MET A 162 -27.31 18.09 26.17
C MET A 162 -26.37 17.63 25.08
N GLU A 163 -26.71 16.53 24.43
CA GLU A 163 -25.98 16.05 23.25
C GLU A 163 -27.01 15.78 22.16
N THR A 164 -26.72 16.26 20.94
CA THR A 164 -27.61 16.13 19.81
C THR A 164 -26.83 15.67 18.59
N THR A 165 -27.42 14.75 17.83
CA THR A 165 -26.78 14.21 16.65
C THR A 165 -27.04 15.10 15.44
N GLN A 166 -26.11 15.05 14.49
CA GLN A 166 -26.32 15.70 13.20
C GLN A 166 -27.49 15.03 12.49
N PRO A 167 -28.36 15.79 11.83
CA PRO A 167 -29.47 15.19 11.09
C PRO A 167 -28.96 14.24 10.01
N SER A 168 -29.51 13.04 9.98
CA SER A 168 -29.12 12.01 9.02
C SER A 168 -30.33 11.56 8.22
N LYS A 169 -30.06 11.10 7.00
CA LYS A 169 -31.12 10.83 6.03
C LYS A 169 -31.81 9.51 6.31
N GLN A 170 -33.14 9.49 6.15
CA GLN A 170 -33.94 8.28 6.25
C GLN A 170 -34.05 7.61 4.89
N SER A 171 -34.59 6.39 4.88
CA SER A 171 -34.78 5.68 3.62
C SER A 171 -35.79 6.36 2.71
N ASN A 172 -36.71 7.14 3.26
CA ASN A 172 -37.66 7.90 2.46
C ASN A 172 -37.15 9.30 2.12
N ASN A 173 -35.84 9.54 2.27
CA ASN A 173 -35.18 10.79 1.97
C ASN A 173 -35.63 11.95 2.88
N LYS A 174 -36.42 11.66 3.91
CA LYS A 174 -36.58 12.60 5.01
C LYS A 174 -35.41 12.42 5.98
N TYR A 175 -35.43 13.16 7.08
CA TYR A 175 -34.29 13.17 7.98
C TYR A 175 -34.71 12.79 9.39
N MET A 176 -33.71 12.43 10.20
CA MET A 176 -33.91 12.03 11.58
C MET A 176 -32.75 12.52 12.42
N ALA A 177 -33.04 12.80 13.70
CA ALA A 177 -32.02 13.19 14.65
C ALA A 177 -32.46 12.78 16.05
N SER A 178 -31.50 12.77 16.97
CA SER A 178 -31.77 12.39 18.35
C SER A 178 -31.05 13.35 19.28
N SER A 179 -31.67 13.62 20.42
CA SER A 179 -31.09 14.49 21.44
C SER A 179 -31.22 13.83 22.79
N TYR A 180 -30.17 13.94 23.60
CA TYR A 180 -30.10 13.29 24.90
C TYR A 180 -29.83 14.33 25.97
N LEU A 181 -30.61 14.28 27.05
CA LEU A 181 -30.38 15.10 28.24
C LEU A 181 -29.96 14.18 29.37
N THR A 182 -28.74 14.37 29.88
CA THR A 182 -28.13 13.47 30.83
C THR A 182 -28.13 14.11 32.22
N LEU A 183 -28.69 13.38 33.19
CA LEU A 183 -28.86 13.89 34.55
C LEU A 183 -28.41 12.84 35.56
N THR A 184 -28.41 13.24 36.82
CA THR A 184 -28.38 12.27 37.91
C THR A 184 -29.81 11.83 38.23
N ALA A 185 -29.93 10.72 38.95
CA ALA A 185 -31.24 10.23 39.33
C ALA A 185 -31.96 11.25 40.22
N ARG A 186 -31.25 11.80 41.21
CA ARG A 186 -31.86 12.77 42.11
C ARG A 186 -32.32 14.02 41.36
N ALA A 187 -31.50 14.53 40.45
CA ALA A 187 -31.85 15.74 39.71
C ALA A 187 -33.13 15.55 38.91
N TRP A 188 -33.31 14.36 38.33
CA TRP A 188 -34.55 14.07 37.59
C TRP A 188 -35.76 14.01 38.52
N GLU A 189 -35.57 13.53 39.74
CA GLU A 189 -36.66 13.48 40.71
C GLU A 189 -37.01 14.84 41.29
N ARG A 190 -36.06 15.78 41.27
CA ARG A 190 -36.31 17.11 41.86
C ARG A 190 -37.45 17.84 41.17
N HIS A 191 -37.64 17.61 39.88
CA HIS A 191 -38.47 18.49 39.06
C HIS A 191 -39.72 17.77 38.59
N SER A 192 -40.74 18.58 38.25
CA SER A 192 -42.03 18.05 37.85
C SER A 192 -42.13 17.78 36.35
N SER A 193 -41.41 18.53 35.52
CA SER A 193 -41.62 18.43 34.09
C SER A 193 -40.31 18.68 33.33
N TYR A 194 -40.13 17.93 32.25
CA TYR A 194 -38.99 18.06 31.33
C TYR A 194 -39.54 18.10 29.91
N SER A 195 -38.89 18.87 29.04
CA SER A 195 -39.45 19.08 27.71
C SER A 195 -38.34 19.23 26.66
N CYS A 196 -38.58 18.61 25.51
CA CYS A 196 -37.73 18.72 24.33
C CYS A 196 -38.48 19.51 23.26
N GLN A 197 -37.84 20.55 22.72
CA GLN A 197 -38.44 21.40 21.70
C GLN A 197 -37.58 21.40 20.46
N VAL A 198 -38.17 21.05 19.32
CA VAL A 198 -37.48 21.02 18.04
C VAL A 198 -37.99 22.17 17.19
N THR A 199 -37.06 22.92 16.60
CA THR A 199 -37.38 24.04 15.72
C THR A 199 -37.10 23.61 14.28
N HIS A 200 -38.08 23.81 13.41
CA HIS A 200 -37.96 23.38 12.02
C HIS A 200 -38.81 24.27 11.14
N GLU A 201 -38.18 24.90 10.15
CA GLU A 201 -38.86 25.78 9.20
C GLU A 201 -39.67 26.86 9.93
N GLY A 202 -39.10 27.39 11.00
CA GLY A 202 -39.71 28.48 11.73
C GLY A 202 -40.80 28.09 12.69
N HIS A 203 -40.95 26.80 13.01
CA HIS A 203 -42.00 26.35 13.91
C HIS A 203 -41.43 25.34 14.89
N THR A 204 -42.00 25.31 16.09
CA THR A 204 -41.51 24.47 17.17
C THR A 204 -42.47 23.32 17.44
N VAL A 205 -41.93 22.12 17.55
CA VAL A 205 -42.67 20.95 18.02
C VAL A 205 -42.05 20.53 19.35
N GLU A 206 -42.88 20.33 20.35
CA GLU A 206 -42.41 20.14 21.72
C GLU A 206 -43.17 19.00 22.38
N LYS A 207 -42.46 18.21 23.19
CA LYS A 207 -43.05 17.15 23.99
C LYS A 207 -42.52 17.26 25.40
N SER A 208 -43.35 16.86 26.38
CA SER A 208 -43.00 17.02 27.78
C SER A 208 -43.38 15.77 28.57
N LEU A 209 -42.62 15.51 29.64
CA LEU A 209 -43.00 14.48 30.60
C LEU A 209 -43.60 15.10 31.84
N VAL B 2 -3.06 14.50 -11.27
CA VAL B 2 -2.53 14.67 -9.93
C VAL B 2 -3.24 13.74 -8.96
N GLN B 3 -2.50 13.22 -7.97
CA GLN B 3 -3.06 12.39 -6.92
C GLN B 3 -2.41 12.77 -5.60
N LEU B 4 -3.20 12.74 -4.53
CA LEU B 4 -2.74 13.03 -3.18
C LEU B 4 -3.05 11.81 -2.31
N GLN B 5 -2.01 11.12 -1.86
CA GLN B 5 -2.16 9.92 -1.04
C GLN B 5 -1.77 10.26 0.40
N GLN B 6 -2.72 10.09 1.31
CA GLN B 6 -2.54 10.45 2.71
C GLN B 6 -2.27 9.22 3.56
N SER B 7 -1.73 9.47 4.75
CA SER B 7 -1.37 8.39 5.65
C SER B 7 -2.61 7.77 6.29
N GLY B 8 -2.42 6.58 6.86
CA GLY B 8 -3.54 5.82 7.39
C GLY B 8 -4.10 6.41 8.67
N ALA B 9 -5.31 5.95 9.00
CA ALA B 9 -6.01 6.42 10.19
C ALA B 9 -5.15 6.20 11.43
N GLU B 10 -5.41 7.02 12.46
CA GLU B 10 -4.52 7.10 13.61
C GLU B 10 -5.33 7.23 14.88
N LEU B 11 -4.90 6.52 15.92
CA LEU B 11 -5.53 6.53 17.23
C LEU B 11 -4.48 6.87 18.27
N ALA B 12 -4.80 7.81 19.16
CA ALA B 12 -3.81 8.33 20.08
C ALA B 12 -4.45 8.65 21.42
N ARG B 13 -3.60 8.71 22.46
CA ARG B 13 -3.98 9.12 23.79
C ARG B 13 -3.72 10.61 23.98
N PRO B 14 -4.54 11.28 24.78
CA PRO B 14 -4.32 12.72 25.03
C PRO B 14 -2.89 13.00 25.47
N GLY B 15 -2.39 14.18 25.09
CA GLY B 15 -1.02 14.55 25.35
C GLY B 15 0.00 13.96 24.39
N ALA B 16 -0.34 12.89 23.67
CA ALA B 16 0.59 12.27 22.74
C ALA B 16 0.76 13.15 21.51
N SER B 17 1.49 12.62 20.53
CA SER B 17 1.71 13.31 19.27
C SER B 17 1.67 12.30 18.14
N VAL B 18 1.15 12.74 16.99
CA VAL B 18 1.08 11.89 15.80
C VAL B 18 1.52 12.72 14.60
N LYS B 19 2.00 12.03 13.58
CA LYS B 19 2.54 12.65 12.38
C LYS B 19 1.78 12.15 11.17
N LEU B 20 1.14 13.07 10.44
CA LEU B 20 0.44 12.74 9.22
C LEU B 20 1.32 13.08 8.02
N SER B 21 1.01 12.44 6.88
CA SER B 21 1.78 12.65 5.67
C SER B 21 0.85 12.66 4.47
N CYS B 22 1.27 13.38 3.43
CA CYS B 22 0.50 13.52 2.19
C CYS B 22 1.49 13.52 1.04
N LYS B 23 1.46 12.47 0.21
CA LYS B 23 2.38 12.34 -0.91
C LYS B 23 1.68 12.79 -2.19
N ALA B 24 2.29 13.76 -2.86
CA ALA B 24 1.75 14.27 -4.12
C ALA B 24 2.34 13.49 -5.29
N SER B 25 1.51 13.31 -6.31
CA SER B 25 1.91 12.63 -7.54
C SER B 25 1.43 13.43 -8.74
N GLY B 26 2.28 13.55 -9.75
CA GLY B 26 1.91 14.25 -10.96
C GLY B 26 2.31 15.70 -10.99
N TYR B 27 3.15 16.07 -11.96
CA TYR B 27 3.53 17.47 -12.21
C TYR B 27 4.16 18.10 -10.98
N THR B 28 5.03 17.36 -10.31
CA THR B 28 5.75 17.85 -9.14
C THR B 28 7.05 18.56 -9.52
N SER B 29 7.33 18.73 -10.81
CA SER B 29 8.43 19.58 -11.23
C SER B 29 8.11 21.05 -10.99
N THR B 30 6.83 21.40 -11.09
CA THR B 30 6.38 22.71 -10.62
C THR B 30 6.44 22.77 -9.10
N ASP B 31 6.62 23.97 -8.57
CA ASP B 31 6.48 24.20 -7.15
C ASP B 31 5.03 24.54 -6.87
N TYR B 32 4.43 23.85 -5.91
CA TYR B 32 2.99 23.85 -5.71
C TYR B 32 2.71 23.97 -4.23
N TYR B 33 1.51 24.44 -3.91
CA TYR B 33 1.13 24.56 -2.52
C TYR B 33 0.33 23.34 -2.08
N ILE B 34 0.54 22.94 -0.83
CA ILE B 34 -0.31 21.97 -0.15
C ILE B 34 -1.00 22.71 0.98
N ASN B 35 -2.33 22.72 0.96
CA ASN B 35 -3.12 23.34 2.01
C ASN B 35 -3.74 22.24 2.87
N TRP B 36 -3.53 22.31 4.17
CA TRP B 36 -4.09 21.36 5.12
C TRP B 36 -5.38 21.90 5.70
N VAL B 37 -6.36 21.02 5.88
CA VAL B 37 -7.70 21.39 6.31
C VAL B 37 -8.16 20.41 7.38
N LYS B 38 -8.89 20.91 8.38
CA LYS B 38 -9.43 20.11 9.46
C LYS B 38 -10.95 20.12 9.38
N GLN B 39 -11.56 18.95 9.50
CA GLN B 39 -13.02 18.82 9.58
C GLN B 39 -13.37 17.86 10.70
N ARG B 40 -13.93 18.40 11.78
CA ARG B 40 -14.49 17.55 12.82
C ARG B 40 -15.86 17.06 12.40
N THR B 41 -16.28 15.93 12.99
CA THR B 41 -17.57 15.35 12.65
C THR B 41 -18.71 16.31 12.94
N GLY B 42 -18.55 17.19 13.92
CA GLY B 42 -19.56 18.18 14.22
C GLY B 42 -19.16 19.59 13.85
N GLN B 43 -18.46 19.74 12.71
CA GLN B 43 -18.00 21.05 12.29
C GLN B 43 -17.76 21.04 10.79
N GLY B 44 -17.58 22.24 10.24
CA GLY B 44 -17.21 22.43 8.85
C GLY B 44 -15.71 22.40 8.66
N LEU B 45 -15.23 23.12 7.65
CA LEU B 45 -13.83 23.12 7.31
C LEU B 45 -13.07 24.21 8.07
N GLU B 46 -11.82 23.89 8.43
CA GLU B 46 -10.97 24.81 9.18
C GLU B 46 -9.58 24.76 8.60
N TRP B 47 -9.07 25.92 8.17
CA TRP B 47 -7.78 26.00 7.51
C TRP B 47 -6.65 25.91 8.53
N ILE B 48 -5.75 24.96 8.36
CA ILE B 48 -4.61 24.81 9.26
C ILE B 48 -3.40 25.60 8.77
N GLY B 49 -3.00 25.40 7.52
CA GLY B 49 -1.84 26.08 7.01
C GLY B 49 -1.50 25.60 5.61
N GLU B 50 -0.43 26.19 5.07
CA GLU B 50 0.02 25.93 3.72
C GLU B 50 1.52 25.67 3.71
N ILE B 51 1.98 24.84 2.78
CA ILE B 51 3.40 24.57 2.61
C ILE B 51 3.69 24.32 1.14
N TYR B 52 4.77 24.94 0.65
CA TYR B 52 5.31 24.61 -0.66
C TYR B 52 6.43 23.59 -0.49
N PRO B 53 6.28 22.36 -0.99
CA PRO B 53 7.35 21.35 -0.79
C PRO B 53 8.63 21.64 -1.55
N GLY B 54 8.57 22.39 -2.65
CA GLY B 54 9.77 22.67 -3.40
C GLY B 54 10.62 23.78 -2.79
N SER B 55 9.97 24.83 -2.29
CA SER B 55 10.66 25.97 -1.72
C SER B 55 10.61 26.03 -0.20
N GLY B 56 9.83 25.16 0.45
CA GLY B 56 9.77 25.11 1.90
C GLY B 56 8.95 26.19 2.56
N ASN B 57 8.50 27.20 1.82
CA ASN B 57 7.73 28.30 2.40
C ASN B 57 6.45 27.77 3.04
N THR B 58 5.94 28.53 4.02
CA THR B 58 4.75 28.14 4.75
C THR B 58 3.92 29.36 5.12
N TYR B 59 2.60 29.16 5.13
CA TYR B 59 1.65 30.08 5.73
C TYR B 59 0.85 29.31 6.77
N TYR B 60 0.56 29.95 7.90
CA TYR B 60 -0.02 29.27 9.05
C TYR B 60 -1.28 29.97 9.51
N ASN B 61 -2.13 29.19 10.18
CA ASN B 61 -3.25 29.72 10.94
C ASN B 61 -2.81 29.87 12.39
N GLU B 62 -2.96 31.08 12.94
CA GLU B 62 -2.43 31.41 14.26
C GLU B 62 -2.89 30.43 15.32
N LYS B 63 -4.13 29.97 15.22
CA LYS B 63 -4.69 29.04 16.20
C LYS B 63 -3.94 27.72 16.24
N PHE B 64 -3.24 27.36 15.17
CA PHE B 64 -2.57 26.06 15.07
C PHE B 64 -1.06 26.13 15.20
N LYS B 65 -0.50 27.33 15.31
CA LYS B 65 0.93 27.45 15.61
C LYS B 65 1.22 26.84 16.99
N GLY B 66 2.16 25.92 17.02
CA GLY B 66 2.44 25.14 18.21
C GLY B 66 1.65 23.85 18.29
N LYS B 67 0.47 23.80 17.67
CA LYS B 67 -0.31 22.58 17.60
C LYS B 67 0.09 21.74 16.38
N ALA B 68 0.31 22.38 15.24
CA ALA B 68 0.70 21.68 14.02
C ALA B 68 1.99 22.27 13.47
N THR B 69 2.83 21.40 12.92
CA THR B 69 4.08 21.80 12.29
C THR B 69 4.13 21.20 10.90
N LEU B 70 4.33 22.05 9.89
CA LEU B 70 4.32 21.63 8.49
C LEU B 70 5.75 21.53 7.98
N THR B 71 6.09 20.39 7.37
CA THR B 71 7.40 20.15 6.77
C THR B 71 7.19 19.46 5.43
N ALA B 72 8.26 19.36 4.65
CA ALA B 72 8.16 18.78 3.31
C ALA B 72 9.55 18.43 2.78
N ASP B 73 9.57 17.63 1.72
CA ASP B 73 10.78 17.20 1.05
C ASP B 73 10.51 17.19 -0.45
N LYS B 74 11.37 17.87 -1.23
CA LYS B 74 11.09 18.08 -2.64
C LYS B 74 11.07 16.77 -3.42
N SER B 75 12.12 15.96 -3.29
CA SER B 75 12.32 14.83 -4.19
C SER B 75 11.21 13.79 -4.05
N SER B 76 10.74 13.54 -2.82
CA SER B 76 9.66 12.59 -2.61
C SER B 76 8.28 13.20 -2.82
N SER B 77 8.19 14.52 -3.04
CA SER B 77 6.93 15.23 -3.24
C SER B 77 5.93 14.90 -2.13
N THR B 78 6.38 15.09 -0.89
CA THR B 78 5.62 14.68 0.27
C THR B 78 5.61 15.79 1.31
N ALA B 79 4.43 16.05 1.88
CA ALA B 79 4.26 17.01 2.95
C ALA B 79 3.85 16.29 4.23
N TYR B 80 4.36 16.76 5.36
CA TYR B 80 4.05 16.18 6.66
C TYR B 80 3.43 17.25 7.56
N MET B 81 2.60 16.79 8.49
CA MET B 81 2.00 17.64 9.51
C MET B 81 2.09 16.93 10.85
N GLN B 82 2.92 17.45 11.75
CA GLN B 82 3.05 16.90 13.09
C GLN B 82 2.06 17.57 14.01
N LEU B 83 1.26 16.75 14.71
CA LEU B 83 0.26 17.22 15.65
C LEU B 83 0.73 16.90 17.06
N SER B 84 0.95 17.94 17.86
CA SER B 84 1.49 17.78 19.21
C SER B 84 0.38 17.95 20.25
N SER B 85 0.60 17.33 21.41
CA SER B 85 -0.22 17.54 22.61
C SER B 85 -1.71 17.38 22.28
N LEU B 86 -2.07 16.15 21.92
CA LEU B 86 -3.39 15.88 21.39
C LEU B 86 -4.48 15.98 22.46
N THR B 87 -5.66 16.39 22.03
CA THR B 87 -6.83 16.52 22.89
C THR B 87 -8.07 16.06 22.12
N SER B 88 -9.22 16.06 22.80
CA SER B 88 -10.45 15.63 22.16
C SER B 88 -10.82 16.53 20.99
N GLU B 89 -10.48 17.82 21.06
CA GLU B 89 -10.75 18.73 19.96
C GLU B 89 -9.84 18.48 18.76
N ASP B 90 -8.78 17.68 18.92
CA ASP B 90 -7.95 17.29 17.79
C ASP B 90 -8.50 16.08 17.05
N SER B 91 -9.47 15.38 17.62
CA SER B 91 -10.17 14.31 16.91
C SER B 91 -10.90 14.88 15.71
N ALA B 92 -10.48 14.47 14.51
CA ALA B 92 -11.05 15.00 13.28
C ALA B 92 -10.49 14.22 12.10
N VAL B 93 -11.05 14.52 10.92
CA VAL B 93 -10.46 14.12 9.65
C VAL B 93 -9.65 15.29 9.13
N TYR B 94 -8.39 15.03 8.77
CA TYR B 94 -7.50 16.05 8.25
C TYR B 94 -7.27 15.79 6.77
N PHE B 95 -7.50 16.80 5.94
CA PHE B 95 -7.32 16.70 4.50
C PHE B 95 -6.11 17.51 4.07
N CYS B 96 -5.39 17.00 3.06
CA CYS B 96 -4.42 17.78 2.32
C CYS B 96 -4.98 18.06 0.93
N THR B 97 -4.63 19.23 0.40
CA THR B 97 -5.20 19.70 -0.86
C THR B 97 -4.11 20.36 -1.69
N ARG B 98 -4.37 20.47 -2.99
CA ARG B 98 -3.40 21.06 -3.91
C ARG B 98 -4.14 21.87 -4.97
N GLY B 99 -3.48 22.93 -5.46
CA GLY B 99 -4.00 23.71 -6.55
C GLY B 99 -3.84 23.01 -7.89
N GLY B 100 -4.48 23.60 -8.91
CA GLY B 100 -4.43 23.03 -10.24
C GLY B 100 -3.07 23.23 -10.90
N VAL B 101 -2.83 22.40 -11.91
CA VAL B 101 -1.53 22.40 -12.60
C VAL B 101 -1.52 23.53 -13.62
N TYR B 102 -0.53 24.42 -13.50
CA TYR B 102 -0.42 25.62 -14.32
C TYR B 102 -1.65 26.52 -14.19
N TYR B 103 -2.33 26.44 -13.05
CA TYR B 103 -3.43 27.36 -12.77
C TYR B 103 -2.89 28.71 -12.34
N GLY B 104 -3.75 29.71 -12.40
CA GLY B 104 -3.40 31.01 -11.88
C GLY B 104 -3.52 31.08 -10.37
N TYR B 105 -2.88 32.11 -9.81
CA TYR B 105 -3.04 32.39 -8.39
C TYR B 105 -4.47 32.74 -8.04
N ASP B 106 -5.22 33.29 -9.01
CA ASP B 106 -6.60 33.68 -8.83
C ASP B 106 -7.59 32.59 -9.20
N ASP B 107 -7.10 31.40 -9.52
CA ASP B 107 -7.97 30.25 -9.71
C ASP B 107 -8.24 29.57 -8.35
N ALA B 108 -9.17 28.63 -8.35
CA ALA B 108 -9.52 27.92 -7.13
C ALA B 108 -8.30 27.18 -6.58
N TRP B 109 -8.07 27.33 -5.28
CA TRP B 109 -6.90 26.72 -4.65
C TRP B 109 -7.13 25.28 -4.24
N PHE B 110 -8.38 24.85 -4.09
CA PHE B 110 -8.70 23.54 -3.55
C PHE B 110 -9.20 22.64 -4.68
N VAL B 111 -8.30 22.33 -5.60
CA VAL B 111 -8.63 21.54 -6.79
C VAL B 111 -8.52 20.05 -6.52
N TYR B 112 -7.36 19.61 -6.03
CA TYR B 112 -7.12 18.19 -5.75
C TYR B 112 -7.17 17.96 -4.24
N TRP B 113 -7.74 16.83 -3.85
CA TRP B 113 -7.97 16.51 -2.44
C TRP B 113 -7.48 15.10 -2.16
N GLY B 114 -6.79 14.93 -1.04
CA GLY B 114 -6.51 13.59 -0.55
C GLY B 114 -7.75 12.96 0.04
N GLN B 115 -7.63 11.67 0.36
CA GLN B 115 -8.75 10.92 0.91
C GLN B 115 -9.00 11.23 2.39
N GLY B 116 -8.15 12.03 3.01
CA GLY B 116 -8.32 12.40 4.40
C GLY B 116 -7.71 11.38 5.35
N THR B 117 -7.19 11.90 6.47
CA THR B 117 -6.63 11.07 7.52
C THR B 117 -7.44 11.29 8.79
N LEU B 118 -8.06 10.21 9.28
CA LEU B 118 -8.88 10.29 10.49
C LEU B 118 -7.99 10.16 11.72
N VAL B 119 -8.10 11.12 12.63
CA VAL B 119 -7.39 11.11 13.90
C VAL B 119 -8.43 11.05 15.01
N THR B 120 -8.27 10.08 15.92
CA THR B 120 -9.16 9.92 17.07
C THR B 120 -8.31 9.96 18.33
N VAL B 121 -8.64 10.87 19.24
CA VAL B 121 -7.91 11.06 20.48
C VAL B 121 -8.81 10.66 21.63
N SER B 122 -8.38 9.67 22.41
CA SER B 122 -9.20 9.18 23.50
C SER B 122 -8.33 8.46 24.53
N ALA B 123 -8.76 8.54 25.79
CA ALA B 123 -8.19 7.76 26.87
C ALA B 123 -9.05 6.55 27.22
N ALA B 124 -10.13 6.32 26.49
CA ALA B 124 -11.14 5.34 26.88
C ALA B 124 -10.68 3.93 26.55
N LYS B 125 -10.83 3.03 27.53
CA LYS B 125 -10.65 1.61 27.30
C LYS B 125 -11.92 1.02 26.69
N THR B 126 -11.78 -0.17 26.11
CA THR B 126 -12.92 -0.89 25.57
C THR B 126 -13.99 -1.06 26.64
N THR B 127 -15.19 -0.60 26.34
CA THR B 127 -16.30 -0.64 27.29
C THR B 127 -17.54 -1.16 26.59
N ALA B 128 -18.17 -2.16 27.19
CA ALA B 128 -19.39 -2.74 26.62
C ALA B 128 -20.59 -1.84 26.92
N PRO B 129 -21.62 -1.86 26.06
CA PRO B 129 -22.75 -0.95 26.26
C PRO B 129 -23.75 -1.50 27.27
N SER B 130 -24.14 -0.66 28.21
CA SER B 130 -25.37 -0.90 28.95
C SER B 130 -26.56 -0.62 28.04
N VAL B 131 -27.57 -1.47 28.11
CA VAL B 131 -28.73 -1.38 27.24
C VAL B 131 -29.98 -1.23 28.09
N TYR B 132 -30.83 -0.27 27.74
CA TYR B 132 -31.99 0.08 28.55
C TYR B 132 -33.24 0.15 27.69
N PRO B 133 -34.38 -0.31 28.20
CA PRO B 133 -35.63 -0.17 27.47
C PRO B 133 -36.17 1.25 27.56
N LEU B 134 -36.89 1.65 26.51
CA LEU B 134 -37.50 2.96 26.42
C LEU B 134 -38.99 2.80 26.14
N ALA B 135 -39.81 3.47 26.93
CA ALA B 135 -41.26 3.37 26.77
C ALA B 135 -41.96 4.61 27.32
N THR B 147 -44.97 4.70 20.38
CA THR B 147 -43.70 4.18 19.91
C THR B 147 -42.77 3.86 21.08
N LEU B 148 -41.86 2.92 20.89
CA LEU B 148 -40.97 2.42 21.93
C LEU B 148 -39.53 2.50 21.40
N GLY B 149 -38.56 2.19 22.27
CA GLY B 149 -37.18 2.37 21.86
C GLY B 149 -36.19 1.57 22.69
N CYS B 150 -34.91 1.78 22.38
CA CYS B 150 -33.80 1.03 22.97
C CYS B 150 -32.62 1.97 23.12
N LEU B 151 -32.12 2.14 24.34
CA LEU B 151 -31.03 3.07 24.63
C LEU B 151 -29.74 2.28 24.86
N VAL B 152 -28.71 2.61 24.10
CA VAL B 152 -27.43 1.91 24.11
C VAL B 152 -26.39 2.91 24.60
N LYS B 153 -26.05 2.83 25.89
CA LYS B 153 -25.32 3.89 26.58
C LYS B 153 -23.98 3.41 27.09
N GLY B 154 -22.92 4.18 26.80
CA GLY B 154 -21.64 4.02 27.44
C GLY B 154 -20.69 2.97 26.90
N TYR B 155 -20.56 2.89 25.57
CA TYR B 155 -19.64 1.95 24.95
C TYR B 155 -18.46 2.68 24.32
N PHE B 156 -17.43 1.91 23.99
CA PHE B 156 -16.22 2.38 23.32
C PHE B 156 -15.41 1.17 22.86
N PRO B 157 -14.88 1.19 21.63
CA PRO B 157 -15.09 2.21 20.61
C PRO B 157 -16.34 1.93 19.78
N GLU B 158 -16.59 2.76 18.78
CA GLU B 158 -17.53 2.38 17.74
C GLU B 158 -16.97 1.20 16.95
N PRO B 159 -17.83 0.39 16.32
CA PRO B 159 -19.28 0.51 16.22
C PRO B 159 -20.07 -0.40 17.15
N VAL B 160 -21.39 -0.19 17.17
CA VAL B 160 -22.34 -1.16 17.64
C VAL B 160 -23.31 -1.45 16.50
N THR B 161 -23.96 -2.61 16.59
CA THR B 161 -25.01 -2.99 15.68
C THR B 161 -26.28 -3.23 16.48
N LEU B 162 -27.41 -2.80 15.92
CA LEU B 162 -28.69 -2.96 16.60
C LEU B 162 -29.74 -3.43 15.60
N THR B 163 -30.53 -4.42 16.02
CA THR B 163 -31.69 -4.88 15.26
C THR B 163 -32.85 -5.06 16.23
N TRP B 164 -34.03 -5.31 15.68
CA TRP B 164 -35.24 -5.49 16.47
C TRP B 164 -35.82 -6.87 16.22
N ASN B 165 -36.07 -7.61 17.30
CA ASN B 165 -36.60 -8.97 17.25
C ASN B 165 -35.82 -9.82 16.24
N SER B 166 -34.51 -9.86 16.43
CA SER B 166 -33.55 -10.63 15.63
C SER B 166 -33.47 -10.18 14.18
N GLY B 167 -34.06 -9.04 13.83
CA GLY B 167 -34.11 -8.58 12.46
C GLY B 167 -35.42 -8.82 11.76
N SER B 168 -36.36 -9.53 12.40
CA SER B 168 -37.68 -9.71 11.83
C SER B 168 -38.50 -8.43 11.90
N LEU B 169 -38.16 -7.51 12.81
CA LEU B 169 -38.80 -6.20 12.91
C LEU B 169 -37.85 -5.17 12.32
N SER B 170 -38.20 -4.65 11.15
CA SER B 170 -37.37 -3.68 10.46
C SER B 170 -38.15 -2.44 10.03
N SER B 171 -39.37 -2.60 9.53
CA SER B 171 -40.17 -1.46 9.11
C SER B 171 -40.66 -0.68 10.33
N GLY B 172 -40.70 0.65 10.19
CA GLY B 172 -41.09 1.49 11.30
C GLY B 172 -40.02 1.71 12.34
N VAL B 173 -38.76 1.45 12.00
CA VAL B 173 -37.65 1.53 12.94
C VAL B 173 -36.74 2.68 12.54
N HIS B 174 -36.30 3.47 13.53
CA HIS B 174 -35.35 4.55 13.32
C HIS B 174 -34.18 4.34 14.26
N THR B 175 -32.97 4.20 13.70
CA THR B 175 -31.76 3.99 14.47
C THR B 175 -30.83 5.16 14.22
N PHE B 176 -30.51 5.91 15.27
CA PHE B 176 -29.86 7.20 15.21
C PHE B 176 -28.35 7.07 15.36
N PRO B 177 -27.59 8.03 14.81
CA PRO B 177 -26.13 7.96 14.91
C PRO B 177 -25.65 8.00 16.35
N ALA B 178 -24.40 7.61 16.54
CA ALA B 178 -23.80 7.66 17.86
C ALA B 178 -23.44 9.09 18.24
N VAL B 179 -23.38 9.32 19.55
CA VAL B 179 -22.94 10.60 20.11
C VAL B 179 -22.03 10.31 21.29
N LEU B 180 -21.17 11.26 21.61
CA LEU B 180 -20.16 11.11 22.66
C LEU B 180 -20.66 11.77 23.93
N GLN B 181 -20.98 10.96 24.94
CA GLN B 181 -21.37 11.44 26.26
C GLN B 181 -20.36 10.92 27.28
N SER B 182 -19.64 11.84 27.93
CA SER B 182 -18.71 11.51 29.02
C SER B 182 -17.57 10.60 28.54
N ASP B 183 -17.03 10.90 27.36
CA ASP B 183 -15.92 10.22 26.69
C ASP B 183 -16.28 8.81 26.20
N LEU B 184 -17.54 8.39 26.34
CA LEU B 184 -18.02 7.15 25.77
C LEU B 184 -19.16 7.44 24.82
N TYR B 185 -19.48 6.46 23.98
CA TYR B 185 -20.49 6.63 22.95
C TYR B 185 -21.85 6.17 23.44
N THR B 186 -22.90 6.87 23.01
CA THR B 186 -24.27 6.54 23.32
C THR B 186 -25.09 6.58 22.04
N LEU B 187 -26.00 5.62 21.89
CA LEU B 187 -26.79 5.46 20.68
C LEU B 187 -28.21 5.10 21.08
N SER B 188 -29.14 5.23 20.13
CA SER B 188 -30.53 4.89 20.41
C SER B 188 -31.21 4.43 19.14
N SER B 189 -32.29 3.67 19.32
CA SER B 189 -33.17 3.26 18.24
C SER B 189 -34.61 3.29 18.74
N SER B 190 -35.54 3.31 17.79
CA SER B 190 -36.95 3.40 18.15
C SER B 190 -37.79 2.65 17.12
N VAL B 191 -39.00 2.28 17.54
CA VAL B 191 -39.94 1.53 16.70
C VAL B 191 -41.35 2.03 16.97
N THR B 192 -42.18 2.01 15.93
CA THR B 192 -43.57 2.47 16.03
C THR B 192 -44.40 1.64 16.98
N ILE B 203 -41.24 -7.55 21.31
CA ILE B 203 -40.66 -6.21 21.27
C ILE B 203 -39.32 -6.21 22.01
N THR B 204 -38.24 -6.43 21.27
CA THR B 204 -36.92 -6.60 21.87
C THR B 204 -35.84 -6.13 20.89
N CYS B 205 -34.78 -5.53 21.43
CA CYS B 205 -33.67 -5.03 20.63
C CYS B 205 -32.43 -5.87 20.87
N ASN B 206 -31.63 -6.04 19.83
CA ASN B 206 -30.45 -6.90 19.85
C ASN B 206 -29.22 -6.05 19.56
N VAL B 207 -28.37 -5.86 20.58
CA VAL B 207 -27.23 -4.96 20.51
C VAL B 207 -25.95 -5.78 20.46
N ALA B 208 -25.06 -5.43 19.53
CA ALA B 208 -23.78 -6.11 19.39
C ALA B 208 -22.66 -5.07 19.42
N HIS B 209 -21.69 -5.27 20.32
CA HIS B 209 -20.51 -4.42 20.42
C HIS B 209 -19.30 -5.33 20.23
N PRO B 210 -18.90 -5.57 18.98
CA PRO B 210 -17.79 -6.52 18.72
C PRO B 210 -16.51 -6.23 19.48
N ALA B 211 -16.18 -4.95 19.68
CA ALA B 211 -14.94 -4.60 20.38
C ALA B 211 -14.89 -5.21 21.77
N SER B 212 -16.02 -5.18 22.49
CA SER B 212 -16.12 -5.85 23.77
C SER B 212 -16.57 -7.30 23.65
N SER B 213 -16.65 -7.82 22.42
CA SER B 213 -17.12 -9.19 22.16
C SER B 213 -18.45 -9.44 22.87
N THR B 214 -19.35 -8.47 22.74
CA THR B 214 -20.62 -8.46 23.46
C THR B 214 -21.77 -8.55 22.45
N LYS B 215 -22.88 -9.17 22.88
CA LYS B 215 -24.11 -9.17 22.10
C LYS B 215 -25.27 -9.36 23.09
N VAL B 216 -25.86 -8.25 23.52
CA VAL B 216 -26.92 -8.26 24.53
C VAL B 216 -28.28 -8.17 23.85
N ASP B 217 -29.30 -8.72 24.52
CA ASP B 217 -30.69 -8.63 24.11
C ASP B 217 -31.52 -8.11 25.29
N LYS B 218 -32.48 -7.23 25.00
CA LYS B 218 -33.33 -6.65 26.04
C LYS B 218 -34.72 -6.45 25.49
N LYS B 219 -35.74 -6.79 26.29
CA LYS B 219 -37.13 -6.73 25.87
C LYS B 219 -37.90 -5.74 26.74
N ILE B 220 -38.92 -5.12 26.15
CA ILE B 220 -39.59 -3.98 26.77
C ILE B 220 -40.82 -4.50 27.50
N GLU B 221 -40.63 -4.85 28.76
CA GLU B 221 -41.76 -5.14 29.63
C GLU B 221 -42.39 -3.84 30.10
N PRO B 222 -43.70 -3.67 29.99
CA PRO B 222 -44.32 -2.40 30.37
C PRO B 222 -44.24 -2.17 31.88
N ARG B 223 -44.26 -0.89 32.25
CA ARG B 223 -44.25 -0.50 33.65
C ARG B 223 -45.63 -0.68 34.27
N GLN C 1 40.31 16.89 9.18
CA GLN C 1 40.31 16.68 7.74
C GLN C 1 39.20 17.46 7.06
N ALA C 2 39.40 17.78 5.78
CA ALA C 2 38.30 18.30 4.98
C ALA C 2 37.23 17.23 4.83
N VAL C 3 35.98 17.60 5.07
CA VAL C 3 34.87 16.66 5.07
C VAL C 3 33.93 16.99 3.92
N VAL C 4 33.49 15.95 3.21
CA VAL C 4 32.63 16.09 2.04
C VAL C 4 31.26 15.53 2.41
N THR C 5 30.22 16.35 2.27
CA THR C 5 28.89 16.01 2.76
C THR C 5 27.93 15.78 1.59
N GLN C 6 27.21 14.66 1.64
CA GLN C 6 26.17 14.34 0.68
C GLN C 6 24.87 14.10 1.43
N GLU C 7 23.75 14.24 0.72
CA GLU C 7 22.48 13.79 1.26
C GLU C 7 22.58 12.31 1.60
N SER C 8 22.13 11.92 2.79
CA SER C 8 22.21 10.52 3.17
C SER C 8 21.29 9.67 2.29
N ALA C 9 20.09 10.16 2.01
CA ALA C 9 19.12 9.40 1.22
C ALA C 9 18.19 10.37 0.48
N LEU C 10 17.77 9.96 -0.71
CA LEU C 10 16.85 10.71 -1.54
C LEU C 10 15.91 9.74 -2.24
N THR C 11 14.65 10.13 -2.38
CA THR C 11 13.64 9.33 -3.06
C THR C 11 13.16 10.09 -4.30
N THR C 12 13.12 9.40 -5.43
CA THR C 12 12.53 9.94 -6.65
C THR C 12 11.65 8.86 -7.27
N SER C 13 10.92 9.24 -8.31
CA SER C 13 10.12 8.31 -9.08
C SER C 13 10.60 8.29 -10.52
N PRO C 14 10.33 7.22 -11.27
CA PRO C 14 10.77 7.16 -12.66
C PRO C 14 10.24 8.35 -13.47
N GLY C 15 11.12 8.95 -14.27
CA GLY C 15 10.78 10.07 -15.09
C GLY C 15 11.06 11.42 -14.46
N GLU C 16 11.04 11.51 -13.13
CA GLU C 16 11.33 12.77 -12.47
C GLU C 16 12.81 13.14 -12.64
N THR C 17 13.14 14.35 -12.21
CA THR C 17 14.51 14.85 -12.22
C THR C 17 14.98 15.01 -10.79
N VAL C 18 16.14 14.44 -10.48
CA VAL C 18 16.68 14.46 -9.12
C VAL C 18 18.10 15.00 -9.17
N THR C 19 18.46 15.78 -8.15
CA THR C 19 19.77 16.40 -8.04
C THR C 19 20.42 15.95 -6.74
N LEU C 20 21.66 15.49 -6.84
CA LEU C 20 22.47 15.09 -5.71
C LEU C 20 23.59 16.11 -5.53
N THR C 21 23.84 16.53 -4.29
CA THR C 21 24.80 17.59 -4.04
C THR C 21 25.97 17.09 -3.20
N CYS C 22 27.08 17.81 -3.33
CA CYS C 22 28.37 17.38 -2.80
C CYS C 22 29.06 18.62 -2.25
N ARG C 23 29.13 18.76 -0.94
CA ARG C 23 29.61 19.98 -0.29
C ARG C 23 30.95 19.77 0.38
N SER C 24 31.80 20.78 0.31
CA SER C 24 33.09 20.78 0.99
C SER C 24 32.99 21.58 2.29
N SER C 25 33.60 21.04 3.35
CA SER C 25 33.57 21.72 4.64
C SER C 25 34.48 22.96 4.67
N THR C 26 35.49 23.02 3.80
CA THR C 26 36.41 24.15 3.82
C THR C 26 35.86 25.39 3.13
N GLY C 27 34.84 25.24 2.30
CA GLY C 27 34.31 26.37 1.56
C GLY C 27 33.60 25.89 0.30
N ALA C 28 33.55 26.79 -0.68
CA ALA C 28 32.93 26.46 -1.96
C ALA C 28 33.71 25.36 -2.66
N VAL C 29 32.99 24.50 -3.37
CA VAL C 29 33.63 23.55 -4.27
C VAL C 29 34.04 24.27 -5.54
N THR C 30 35.31 24.14 -5.91
CA THR C 30 35.86 24.77 -7.10
C THR C 30 36.22 23.70 -8.13
N SER C 31 36.53 24.18 -9.35
CA SER C 31 36.96 23.28 -10.40
C SER C 31 38.24 22.55 -10.04
N SER C 32 39.08 23.16 -9.19
CA SER C 32 40.31 22.52 -8.76
C SER C 32 40.07 21.40 -7.75
N ASN C 33 38.83 21.15 -7.35
CA ASN C 33 38.49 19.97 -6.59
C ASN C 33 38.21 18.76 -7.47
N TYR C 34 38.01 18.98 -8.78
CA TYR C 34 37.85 17.93 -9.78
C TYR C 34 36.86 16.86 -9.32
N ALA C 35 35.63 17.31 -9.06
CA ALA C 35 34.62 16.45 -8.46
C ALA C 35 34.39 15.20 -9.29
N ASN C 36 34.52 14.05 -8.65
CA ASN C 36 34.21 12.75 -9.24
C ASN C 36 32.92 12.21 -8.64
N TRP C 37 32.19 11.44 -9.45
CA TRP C 37 31.01 10.73 -8.97
C TRP C 37 31.13 9.26 -9.31
N VAL C 38 30.80 8.41 -8.33
CA VAL C 38 30.85 6.96 -8.47
C VAL C 38 29.49 6.40 -8.07
N GLN C 39 29.04 5.38 -8.80
CA GLN C 39 27.78 4.70 -8.52
C GLN C 39 28.06 3.30 -8.00
N GLU C 40 27.49 2.97 -6.85
CA GLU C 40 27.61 1.63 -6.27
C GLU C 40 26.25 0.95 -6.32
N LYS C 41 26.12 -0.05 -7.16
CA LYS C 41 24.97 -0.94 -7.18
C LYS C 41 25.27 -2.17 -6.33
N PRO C 42 24.24 -2.87 -5.85
CA PRO C 42 24.48 -3.98 -4.91
C PRO C 42 25.42 -5.03 -5.47
N ASP C 43 26.04 -5.77 -4.54
CA ASP C 43 27.07 -6.77 -4.86
C ASP C 43 28.27 -6.10 -5.53
N HIS C 44 28.63 -4.92 -5.03
CA HIS C 44 29.89 -4.24 -5.38
C HIS C 44 30.01 -4.00 -6.88
N LEU C 45 28.91 -3.61 -7.52
CA LEU C 45 28.96 -3.16 -8.90
C LEU C 45 29.16 -1.66 -8.89
N PHE C 46 30.40 -1.23 -9.14
CA PHE C 46 30.76 0.17 -9.13
C PHE C 46 30.88 0.69 -10.55
N THR C 47 30.48 1.95 -10.75
CA THR C 47 30.59 2.59 -12.05
C THR C 47 31.08 4.02 -11.87
N GLY C 48 32.12 4.40 -12.60
CA GLY C 48 32.63 5.76 -12.57
C GLY C 48 31.85 6.68 -13.50
N LEU C 49 31.09 7.60 -12.93
CA LEU C 49 30.15 8.41 -13.68
C LEU C 49 30.76 9.70 -14.22
N ILE C 50 31.35 10.51 -13.34
CA ILE C 50 31.76 11.87 -13.65
C ILE C 50 33.20 12.07 -13.20
N GLY C 51 33.96 12.82 -14.01
CA GLY C 51 35.21 13.38 -13.57
C GLY C 51 35.23 14.88 -13.86
N GLY C 52 36.26 15.55 -13.32
CA GLY C 52 36.47 16.98 -13.54
C GLY C 52 35.21 17.83 -13.52
N THR C 53 34.34 17.56 -12.53
CA THR C 53 33.11 18.28 -12.27
C THR C 53 31.99 17.92 -13.24
N ASN C 54 32.28 17.93 -14.55
CA ASN C 54 31.21 17.82 -15.53
C ASN C 54 31.52 16.91 -16.71
N ASN C 55 32.62 16.15 -16.68
CA ASN C 55 33.00 15.31 -17.80
C ASN C 55 32.42 13.91 -17.58
N ARG C 56 31.25 13.65 -18.16
CA ARG C 56 30.65 12.33 -18.07
C ARG C 56 31.51 11.31 -18.79
N ALA C 57 31.73 10.17 -18.13
CA ALA C 57 32.61 9.14 -18.65
C ALA C 57 31.96 8.42 -19.83
N PRO C 58 32.76 7.97 -20.79
CA PRO C 58 32.23 7.21 -21.93
C PRO C 58 31.40 6.01 -21.47
N GLY C 59 30.25 5.83 -22.11
CA GLY C 59 29.36 4.74 -21.79
C GLY C 59 28.32 5.06 -20.73
N VAL C 60 28.46 6.16 -20.01
CA VAL C 60 27.49 6.52 -18.97
C VAL C 60 26.28 7.16 -19.65
N PRO C 61 25.05 6.76 -19.29
CA PRO C 61 23.86 7.33 -19.93
C PRO C 61 23.84 8.85 -19.86
N ALA C 62 23.43 9.48 -20.96
CA ALA C 62 23.42 10.94 -21.05
C ALA C 62 22.49 11.60 -20.05
N ARG C 63 21.62 10.84 -19.38
CA ARG C 63 20.76 11.44 -18.36
C ARG C 63 21.53 11.85 -17.11
N PHE C 64 22.78 11.43 -16.98
CA PHE C 64 23.64 11.86 -15.89
C PHE C 64 24.46 13.06 -16.32
N SER C 65 24.52 14.08 -15.49
CA SER C 65 25.37 15.23 -15.75
C SER C 65 25.88 15.78 -14.42
N GLY C 66 27.14 16.20 -14.42
CA GLY C 66 27.75 16.81 -13.25
C GLY C 66 27.96 18.29 -13.50
N SER C 67 27.94 19.09 -12.43
CA SER C 67 28.14 20.52 -12.55
C SER C 67 28.37 21.09 -11.16
N LEU C 68 28.74 22.37 -11.13
CA LEU C 68 28.73 23.16 -9.91
C LEU C 68 27.41 23.91 -9.84
N ILE C 69 26.69 23.75 -8.74
CA ILE C 69 25.48 24.52 -8.47
C ILE C 69 25.78 25.37 -7.25
N GLY C 70 26.00 26.66 -7.46
CA GLY C 70 26.38 27.54 -6.39
C GLY C 70 27.74 27.21 -5.83
N ASP C 71 27.79 26.88 -4.53
CA ASP C 71 29.04 26.60 -3.84
C ASP C 71 29.27 25.11 -3.64
N LYS C 72 28.67 24.26 -4.46
CA LYS C 72 28.79 22.82 -4.27
C LYS C 72 28.73 22.12 -5.61
N ALA C 73 29.27 20.90 -5.65
CA ALA C 73 29.17 20.06 -6.83
C ALA C 73 27.86 19.28 -6.80
N ALA C 74 27.37 18.94 -7.99
CA ALA C 74 26.08 18.29 -8.08
C ALA C 74 26.10 17.23 -9.19
N LEU C 75 25.30 16.18 -8.97
CA LEU C 75 25.02 15.18 -9.99
C LEU C 75 23.52 15.23 -10.24
N THR C 76 23.14 15.52 -11.48
CA THR C 76 21.74 15.65 -11.87
C THR C 76 21.38 14.50 -12.78
N ILE C 77 20.32 13.78 -12.42
CA ILE C 77 19.77 12.71 -13.25
C ILE C 77 18.46 13.24 -13.83
N THR C 78 18.48 13.57 -15.12
CA THR C 78 17.31 14.10 -15.81
C THR C 78 16.58 12.93 -16.46
N GLY C 79 15.47 12.51 -15.84
CA GLY C 79 14.77 11.34 -16.29
C GLY C 79 15.27 10.10 -15.58
N ALA C 80 15.00 10.01 -14.28
CA ALA C 80 15.49 8.90 -13.49
C ALA C 80 14.83 7.60 -13.91
N GLN C 81 15.64 6.60 -14.22
CA GLN C 81 15.13 5.26 -14.49
C GLN C 81 15.23 4.42 -13.23
N THR C 82 14.42 3.36 -13.17
CA THR C 82 14.43 2.52 -11.98
C THR C 82 15.73 1.77 -11.79
N GLU C 83 16.53 1.61 -12.86
CA GLU C 83 17.86 1.03 -12.72
C GLU C 83 18.83 1.98 -12.04
N ASP C 84 18.48 3.26 -11.90
CA ASP C 84 19.33 4.22 -11.23
C ASP C 84 19.32 4.08 -9.71
N GLU C 85 18.48 3.21 -9.16
CA GLU C 85 18.51 2.97 -7.72
C GLU C 85 19.89 2.45 -7.34
N ALA C 86 20.64 3.24 -6.57
CA ALA C 86 22.02 2.90 -6.23
C ALA C 86 22.49 3.83 -5.13
N ILE C 87 23.75 3.68 -4.75
CA ILE C 87 24.43 4.60 -3.85
C ILE C 87 25.41 5.40 -4.68
N TYR C 88 25.34 6.73 -4.56
CA TYR C 88 26.18 7.62 -5.36
C TYR C 88 27.18 8.32 -4.44
N PHE C 89 28.46 8.09 -4.70
CA PHE C 89 29.54 8.71 -3.96
C PHE C 89 30.13 9.83 -4.79
N CYS C 90 30.30 10.99 -4.19
CA CYS C 90 31.15 12.02 -4.78
C CYS C 90 32.49 12.02 -4.09
N ALA C 91 33.47 12.65 -4.74
CA ALA C 91 34.83 12.69 -4.21
C ALA C 91 35.48 13.98 -4.69
N LEU C 92 36.15 14.68 -3.77
CA LEU C 92 36.79 15.95 -4.06
C LEU C 92 38.28 15.88 -3.80
N TRP C 93 39.07 16.42 -4.72
CA TRP C 93 40.51 16.46 -4.61
C TRP C 93 40.94 17.74 -3.90
N TYR C 94 41.84 17.61 -2.93
CA TYR C 94 42.33 18.73 -2.14
C TYR C 94 43.85 18.82 -2.29
N SER C 95 44.31 19.17 -3.49
CA SER C 95 45.72 19.45 -3.79
C SER C 95 46.60 18.21 -3.75
N ASN C 96 46.51 17.42 -2.68
CA ASN C 96 47.41 16.29 -2.52
C ASN C 96 46.73 15.04 -1.95
N HIS C 97 45.40 15.01 -1.88
CA HIS C 97 44.69 13.84 -1.37
C HIS C 97 43.22 13.97 -1.70
N LEU C 98 42.54 12.83 -1.71
CA LEU C 98 41.16 12.72 -2.15
C LEU C 98 40.27 12.38 -0.96
N VAL C 99 39.10 13.00 -0.89
CA VAL C 99 38.12 12.74 0.16
C VAL C 99 36.80 12.36 -0.50
N PHE C 100 36.26 11.20 -0.11
CA PHE C 100 34.94 10.76 -0.56
C PHE C 100 33.86 11.34 0.34
N GLY C 101 32.73 11.65 -0.26
CA GLY C 101 31.54 11.93 0.52
C GLY C 101 31.02 10.67 1.19
N GLY C 102 30.04 10.85 2.07
CA GLY C 102 29.42 9.70 2.70
C GLY C 102 28.51 8.91 1.80
N GLY C 103 28.19 9.43 0.61
CA GLY C 103 27.33 8.71 -0.31
C GLY C 103 25.86 9.04 -0.11
N THR C 104 25.10 8.91 -1.20
CA THR C 104 23.67 9.15 -1.18
C THR C 104 22.95 7.90 -1.68
N LYS C 105 22.12 7.31 -0.83
CA LYS C 105 21.33 6.17 -1.24
C LYS C 105 20.10 6.69 -1.99
N LEU C 106 20.07 6.47 -3.30
CA LEU C 106 19.01 6.97 -4.16
C LEU C 106 17.99 5.87 -4.40
N THR C 107 16.74 6.14 -4.04
CA THR C 107 15.63 5.26 -4.35
C THR C 107 14.87 5.81 -5.54
N VAL C 108 14.67 4.99 -6.56
CA VAL C 108 13.79 5.28 -7.67
C VAL C 108 12.62 4.31 -7.54
N LEU C 109 11.50 4.81 -7.02
CA LEU C 109 10.34 3.98 -6.68
C LEU C 109 9.93 3.08 -7.85
N GLY C 110 10.27 1.80 -7.75
CA GLY C 110 9.86 0.81 -8.72
C GLY C 110 8.74 -0.11 -8.26
N GLN C 111 8.12 0.17 -7.13
CA GLN C 111 7.05 -0.66 -6.57
C GLN C 111 6.36 0.15 -5.48
N PRO C 112 5.13 -0.24 -5.10
CA PRO C 112 4.43 0.53 -4.05
C PRO C 112 5.18 0.48 -2.73
N LYS C 113 5.19 1.61 -2.04
CA LYS C 113 5.89 1.72 -0.77
C LYS C 113 5.11 1.05 0.35
N SER C 114 5.84 0.60 1.38
CA SER C 114 5.22 -0.07 2.51
C SER C 114 6.12 0.08 3.72
N SER C 115 5.49 0.33 4.87
CA SER C 115 6.18 0.49 6.13
C SER C 115 6.49 -0.88 6.76
N PRO C 116 7.46 -0.96 7.68
CA PRO C 116 8.00 -2.27 8.03
C PRO C 116 7.14 -3.04 9.02
N SER C 117 7.20 -4.36 8.87
CA SER C 117 6.67 -5.29 9.86
C SER C 117 7.78 -5.56 10.88
N VAL C 118 7.51 -5.25 12.14
CA VAL C 118 8.54 -5.30 13.17
C VAL C 118 8.17 -6.38 14.19
N THR C 119 9.12 -7.24 14.49
CA THR C 119 8.95 -8.27 15.52
C THR C 119 10.02 -8.05 16.58
N LEU C 120 9.59 -8.10 17.85
CA LEU C 120 10.49 -7.92 18.98
C LEU C 120 10.42 -9.17 19.86
N PHE C 121 11.60 -9.77 20.11
CA PHE C 121 11.71 -10.98 20.90
C PHE C 121 12.41 -10.67 22.23
N PRO C 122 11.98 -11.32 23.31
CA PRO C 122 12.69 -11.18 24.59
C PRO C 122 13.89 -12.11 24.64
N PRO C 123 14.79 -11.95 25.61
CA PRO C 123 15.89 -12.90 25.73
C PRO C 123 15.39 -14.23 26.25
N SER C 124 16.02 -15.30 25.77
CA SER C 124 15.64 -16.63 26.20
C SER C 124 16.18 -16.92 27.59
N SER C 125 15.42 -17.71 28.36
CA SER C 125 15.89 -18.14 29.67
C SER C 125 17.21 -18.89 29.55
N GLU C 126 17.44 -19.57 28.42
CA GLU C 126 18.69 -20.26 28.19
C GLU C 126 19.86 -19.29 28.15
N GLU C 127 19.70 -18.17 27.45
CA GLU C 127 20.75 -17.14 27.44
C GLU C 127 20.92 -16.51 28.83
N LEU C 128 19.81 -16.34 29.55
CA LEU C 128 19.87 -15.72 30.88
C LEU C 128 20.74 -16.53 31.82
N GLU C 129 20.79 -17.85 31.65
CA GLU C 129 21.66 -18.68 32.46
C GLU C 129 23.12 -18.30 32.31
N THR C 130 23.50 -17.69 31.20
CA THR C 130 24.85 -17.18 31.01
C THR C 130 25.01 -15.76 31.55
N ASN C 131 24.00 -15.25 32.27
CA ASN C 131 23.98 -13.87 32.78
C ASN C 131 24.10 -12.86 31.63
N LYS C 132 23.37 -13.11 30.55
CA LYS C 132 23.34 -12.20 29.41
C LYS C 132 21.93 -12.19 28.85
N ALA C 133 21.54 -11.06 28.25
CA ALA C 133 20.16 -10.88 27.81
C ALA C 133 20.16 -10.02 26.55
N THR C 134 19.86 -10.65 25.41
CA THR C 134 19.85 -9.98 24.11
C THR C 134 18.42 -9.85 23.63
N LEU C 135 17.96 -8.62 23.46
CA LEU C 135 16.69 -8.34 22.82
C LEU C 135 16.89 -8.29 21.31
N VAL C 136 16.02 -8.97 20.57
CA VAL C 136 16.16 -9.07 19.12
C VAL C 136 14.95 -8.42 18.47
N CYS C 137 15.20 -7.47 17.57
CA CYS C 137 14.18 -6.73 16.85
C CYS C 137 14.41 -6.93 15.35
N THR C 138 13.54 -7.71 14.70
CA THR C 138 13.63 -7.96 13.27
C THR C 138 12.69 -7.03 12.52
N ILE C 139 13.19 -6.49 11.40
CA ILE C 139 12.51 -5.46 10.62
C ILE C 139 12.52 -5.91 9.18
N THR C 140 11.33 -6.13 8.61
CA THR C 140 11.21 -6.74 7.29
C THR C 140 10.20 -5.98 6.44
N ASP C 141 10.29 -6.21 5.13
CA ASP C 141 9.26 -5.80 4.16
C ASP C 141 8.96 -4.31 4.22
N PHE C 142 10.01 -3.50 4.08
CA PHE C 142 9.84 -2.05 3.98
C PHE C 142 10.51 -1.54 2.70
N TYR C 143 9.82 -0.64 2.02
CA TYR C 143 10.30 0.00 0.81
C TYR C 143 9.81 1.44 0.87
N PRO C 144 10.68 2.44 0.61
CA PRO C 144 12.11 2.38 0.28
C PRO C 144 12.98 1.78 1.39
N GLY C 145 14.19 1.38 1.05
CA GLY C 145 15.04 0.67 1.99
C GLY C 145 15.87 1.52 2.92
N VAL C 146 15.22 2.48 3.60
CA VAL C 146 15.87 3.36 4.56
C VAL C 146 15.06 3.37 5.85
N VAL C 147 15.69 3.03 6.97
CA VAL C 147 15.04 3.09 8.28
C VAL C 147 16.05 3.57 9.31
N THR C 148 15.53 4.26 10.32
CA THR C 148 16.29 4.61 11.52
C THR C 148 15.70 3.83 12.70
N VAL C 149 16.58 3.26 13.52
CA VAL C 149 16.17 2.43 14.65
C VAL C 149 16.64 3.07 15.94
N ASP C 150 15.75 3.16 16.92
CA ASP C 150 16.07 3.66 18.24
C ASP C 150 15.42 2.77 19.29
N TRP C 151 16.16 2.48 20.35
CA TRP C 151 15.68 1.65 21.44
C TRP C 151 15.36 2.51 22.66
N LYS C 152 14.39 2.06 23.46
CA LYS C 152 14.01 2.75 24.68
C LYS C 152 13.78 1.74 25.78
N VAL C 153 14.40 1.98 26.93
CA VAL C 153 14.20 1.17 28.13
C VAL C 153 13.58 2.07 29.19
N ASP C 154 12.38 1.69 29.65
CA ASP C 154 11.59 2.50 30.58
C ASP C 154 11.56 3.96 30.15
N GLY C 155 11.42 4.22 28.85
CA GLY C 155 11.32 5.55 28.32
C GLY C 155 12.63 6.21 27.97
N THR C 156 13.75 5.77 28.56
CA THR C 156 15.02 6.44 28.28
C THR C 156 15.64 5.87 27.00
N PRO C 157 16.15 6.73 26.12
CA PRO C 157 16.84 6.24 24.92
C PRO C 157 18.20 5.66 25.27
N VAL C 158 18.58 4.63 24.52
CA VAL C 158 19.79 3.87 24.79
C VAL C 158 20.88 4.33 23.83
N THR C 159 22.07 4.59 24.36
CA THR C 159 23.19 5.08 23.57
C THR C 159 24.27 4.03 23.32
N GLN C 160 24.26 2.91 24.04
CA GLN C 160 25.29 1.90 23.89
C GLN C 160 24.70 0.52 24.13
N GLY C 161 25.42 -0.50 23.67
CA GLY C 161 24.88 -1.85 23.71
C GLY C 161 23.89 -2.15 22.62
N MET C 162 23.89 -1.34 21.56
CA MET C 162 22.92 -1.45 20.47
C MET C 162 23.67 -1.63 19.17
N GLU C 163 23.35 -2.69 18.45
CA GLU C 163 23.90 -2.96 17.13
C GLU C 163 22.75 -3.12 16.14
N THR C 164 22.84 -2.44 15.01
CA THR C 164 21.83 -2.51 13.97
C THR C 164 22.51 -2.79 12.64
N THR C 165 21.98 -3.76 11.90
CA THR C 165 22.55 -4.12 10.61
C THR C 165 22.13 -3.13 9.54
N GLN C 166 22.97 -2.96 8.53
CA GLN C 166 22.60 -2.19 7.37
C GLN C 166 21.46 -2.91 6.63
N PRO C 167 20.39 -2.20 6.25
CA PRO C 167 19.30 -2.85 5.53
C PRO C 167 19.78 -3.53 4.25
N SER C 168 19.34 -4.77 4.06
CA SER C 168 19.67 -5.55 2.88
C SER C 168 18.37 -5.95 2.16
N LYS C 169 18.51 -6.27 0.88
CA LYS C 169 17.37 -6.44 -0.01
C LYS C 169 16.81 -7.86 0.07
N GLN C 170 15.50 -7.97 0.24
CA GLN C 170 14.81 -9.24 0.24
C GLN C 170 14.59 -9.72 -1.20
N SER C 171 14.13 -10.98 -1.31
CA SER C 171 13.86 -11.54 -2.64
C SER C 171 12.73 -10.79 -3.33
N ASN C 172 11.71 -10.37 -2.57
CA ASN C 172 10.60 -9.58 -3.10
C ASN C 172 10.96 -8.11 -3.30
N ASN C 173 12.26 -7.79 -3.38
CA ASN C 173 12.82 -6.48 -3.70
C ASN C 173 12.56 -5.44 -2.61
N LYS C 174 11.93 -5.80 -1.50
CA LYS C 174 11.83 -4.89 -0.36
C LYS C 174 13.09 -5.05 0.49
N TYR C 175 13.11 -4.45 1.67
CA TYR C 175 14.31 -4.46 2.49
C TYR C 175 14.04 -5.02 3.88
N MET C 176 15.10 -5.52 4.50
CA MET C 176 15.02 -6.12 5.83
C MET C 176 16.21 -5.66 6.67
N ALA C 177 16.00 -5.59 7.98
CA ALA C 177 17.06 -5.22 8.91
C ALA C 177 16.83 -5.88 10.25
N SER C 178 17.89 -5.95 11.04
CA SER C 178 17.84 -6.48 12.39
C SER C 178 18.53 -5.52 13.36
N SER C 179 18.04 -5.50 14.59
CA SER C 179 18.59 -4.63 15.62
C SER C 179 18.64 -5.39 16.94
N TYR C 180 19.78 -5.33 17.62
CA TYR C 180 20.00 -6.05 18.86
C TYR C 180 20.27 -5.09 20.01
N LEU C 181 19.69 -5.37 21.16
CA LEU C 181 20.00 -4.66 22.41
C LEU C 181 20.46 -5.71 23.42
N THR C 182 21.74 -5.66 23.78
CA THR C 182 22.35 -6.68 24.63
C THR C 182 22.62 -6.11 26.01
N LEU C 183 22.16 -6.84 27.04
CA LEU C 183 22.27 -6.41 28.42
C LEU C 183 22.80 -7.55 29.28
N THR C 184 23.13 -7.23 30.53
CA THR C 184 23.38 -8.27 31.52
C THR C 184 22.04 -8.83 31.98
N ALA C 185 22.06 -10.07 32.47
CA ALA C 185 20.82 -10.68 32.94
C ALA C 185 20.30 -9.98 34.19
N ARG C 186 21.20 -9.52 35.07
CA ARG C 186 20.78 -8.76 36.23
C ARG C 186 20.12 -7.44 35.80
N ALA C 187 20.63 -6.83 34.73
CA ALA C 187 19.99 -5.62 34.21
C ALA C 187 18.63 -5.93 33.58
N TRP C 188 18.48 -7.11 32.99
CA TRP C 188 17.20 -7.49 32.41
C TRP C 188 16.12 -7.64 33.48
N GLU C 189 16.50 -8.14 34.66
CA GLU C 189 15.55 -8.35 35.74
C GLU C 189 15.11 -7.04 36.41
N ARG C 190 15.77 -5.92 36.13
CA ARG C 190 15.42 -4.66 36.77
C ARG C 190 14.20 -4.01 36.11
N HIS C 191 14.24 -3.84 34.80
CA HIS C 191 13.35 -2.93 34.10
C HIS C 191 12.01 -3.61 33.79
N SER C 192 11.10 -2.83 33.22
CA SER C 192 9.74 -3.28 32.92
C SER C 192 9.37 -3.15 31.46
N SER C 193 9.76 -2.06 30.79
CA SER C 193 9.35 -1.77 29.42
C SER C 193 10.58 -1.61 28.54
N TYR C 194 10.66 -2.43 27.49
CA TYR C 194 11.71 -2.34 26.48
C TYR C 194 11.05 -2.10 25.14
N SER C 195 11.54 -1.12 24.38
CA SER C 195 10.90 -0.71 23.14
C SER C 195 11.89 -0.63 21.99
N CYS C 196 11.51 -1.19 20.85
CA CYS C 196 12.23 -1.05 19.59
C CYS C 196 11.39 -0.18 18.66
N GLN C 197 11.99 0.89 18.16
CA GLN C 197 11.30 1.83 17.28
C GLN C 197 12.01 1.90 15.93
N VAL C 198 11.22 1.91 14.86
CA VAL C 198 11.74 1.94 13.49
C VAL C 198 11.09 3.13 12.78
N THR C 199 11.89 4.14 12.47
CA THR C 199 11.43 5.29 11.72
C THR C 199 11.52 4.97 10.22
N HIS C 200 10.38 5.03 9.54
CA HIS C 200 10.31 4.79 8.11
C HIS C 200 9.39 5.83 7.48
N GLU C 201 9.93 6.61 6.53
CA GLU C 201 9.15 7.58 5.77
C GLU C 201 8.39 8.53 6.69
N GLY C 202 9.04 8.93 7.79
CA GLY C 202 8.46 9.85 8.75
C GLY C 202 7.67 9.19 9.86
N HIS C 203 7.19 7.97 9.67
CA HIS C 203 6.36 7.29 10.65
C HIS C 203 7.16 6.24 11.40
N THR C 204 6.92 6.13 12.71
CA THR C 204 7.64 5.21 13.58
C THR C 204 6.78 4.00 13.88
N VAL C 205 7.34 2.81 13.71
CA VAL C 205 6.68 1.57 14.10
C VAL C 205 7.38 1.07 15.36
N GLU C 206 6.65 0.99 16.46
CA GLU C 206 7.19 0.57 17.74
C GLU C 206 6.66 -0.80 18.12
N LYS C 207 7.54 -1.64 18.69
CA LYS C 207 7.15 -2.86 19.37
C LYS C 207 7.80 -2.86 20.75
N SER C 208 7.05 -3.28 21.76
CA SER C 208 7.48 -3.14 23.14
C SER C 208 7.29 -4.45 23.90
N LEU C 209 8.07 -4.58 24.98
CA LEU C 209 7.96 -5.72 25.88
C LEU C 209 7.81 -5.25 27.32
N GLN D 1 38.27 -6.44 -22.54
CA GLN D 1 38.14 -5.29 -21.66
C GLN D 1 39.33 -5.15 -20.72
N VAL D 2 39.44 -3.99 -20.08
CA VAL D 2 40.32 -3.86 -18.92
C VAL D 2 39.69 -4.57 -17.74
N GLN D 3 40.50 -5.28 -16.97
CA GLN D 3 39.98 -6.04 -15.85
C GLN D 3 40.96 -5.97 -14.69
N LEU D 4 40.43 -5.98 -13.48
CA LEU D 4 41.21 -5.98 -12.25
C LEU D 4 40.82 -7.19 -11.42
N GLN D 5 41.81 -8.03 -11.12
CA GLN D 5 41.60 -9.26 -10.37
C GLN D 5 42.35 -9.15 -9.04
N GLN D 6 41.60 -9.21 -7.94
CA GLN D 6 42.16 -9.03 -6.61
C GLN D 6 42.35 -10.35 -5.90
N SER D 7 43.23 -10.34 -4.89
CA SER D 7 43.53 -11.52 -4.11
C SER D 7 42.39 -11.84 -3.14
N GLY D 8 42.52 -12.98 -2.45
CA GLY D 8 41.46 -13.49 -1.61
C GLY D 8 41.43 -12.90 -0.20
N ALA D 9 40.38 -13.26 0.53
CA ALA D 9 40.15 -12.71 1.85
C ALA D 9 41.28 -13.09 2.81
N GLU D 10 41.57 -12.19 3.75
CA GLU D 10 42.62 -12.38 4.74
C GLU D 10 42.04 -12.26 6.13
N LEU D 11 42.43 -13.18 7.01
CA LEU D 11 42.15 -13.09 8.44
C LEU D 11 43.47 -12.97 9.18
N ALA D 12 43.52 -12.07 10.15
CA ALA D 12 44.78 -11.80 10.84
C ALA D 12 44.51 -11.38 12.28
N ARG D 13 45.56 -11.42 13.08
CA ARG D 13 45.58 -10.98 14.46
C ARG D 13 46.22 -9.60 14.56
N PRO D 14 45.87 -8.84 15.60
CA PRO D 14 46.41 -7.47 15.72
C PRO D 14 47.94 -7.45 15.75
N GLY D 15 48.51 -6.40 15.17
CA GLY D 15 49.94 -6.25 15.06
C GLY D 15 50.56 -6.87 13.82
N ALA D 16 49.88 -7.81 13.18
CA ALA D 16 50.44 -8.54 12.06
C ALA D 16 50.35 -7.71 10.78
N SER D 17 50.69 -8.32 9.65
CA SER D 17 50.65 -7.69 8.35
C SER D 17 49.96 -8.62 7.35
N VAL D 18 49.45 -8.01 6.27
CA VAL D 18 48.90 -8.73 5.13
C VAL D 18 49.31 -7.99 3.87
N LYS D 19 49.33 -8.72 2.75
CA LYS D 19 49.72 -8.17 1.45
C LYS D 19 48.62 -8.50 0.44
N LEU D 20 47.81 -7.50 0.11
CA LEU D 20 46.78 -7.64 -0.90
C LEU D 20 47.36 -7.34 -2.27
N SER D 21 46.75 -7.90 -3.30
CA SER D 21 47.27 -7.76 -4.66
C SER D 21 46.13 -7.45 -5.62
N CYS D 22 46.49 -6.81 -6.73
CA CYS D 22 45.55 -6.42 -7.76
C CYS D 22 46.24 -6.62 -9.11
N LYS D 23 45.89 -7.69 -9.81
CA LYS D 23 46.44 -7.94 -11.14
C LYS D 23 45.59 -7.24 -12.17
N ALA D 24 46.21 -6.35 -12.94
CA ALA D 24 45.52 -5.61 -13.99
C ALA D 24 45.68 -6.31 -15.32
N SER D 25 44.68 -6.17 -16.18
CA SER D 25 44.72 -6.72 -17.52
C SER D 25 44.13 -5.72 -18.49
N GLY D 26 44.71 -5.65 -19.69
CA GLY D 26 44.23 -4.74 -20.71
C GLY D 26 45.01 -3.44 -20.76
N TYR D 27 45.66 -3.18 -21.89
CA TYR D 27 46.41 -1.95 -22.12
C TYR D 27 47.34 -1.62 -20.96
N THR D 28 48.03 -2.65 -20.46
CA THR D 28 48.94 -2.47 -19.34
C THR D 28 50.23 -1.77 -19.75
N SER D 29 50.47 -1.59 -21.04
CA SER D 29 51.64 -0.86 -21.52
C SER D 29 51.40 0.64 -21.61
N THR D 30 50.20 1.11 -21.28
CA THR D 30 49.96 2.53 -21.06
C THR D 30 50.41 2.92 -19.66
N ASP D 31 50.43 4.23 -19.41
CA ASP D 31 50.78 4.75 -18.10
C ASP D 31 49.52 4.88 -17.26
N TYR D 32 49.02 3.73 -16.81
CA TYR D 32 47.80 3.68 -16.03
C TYR D 32 48.11 3.82 -14.55
N TYR D 33 47.08 4.19 -13.78
CA TYR D 33 47.20 4.32 -12.34
C TYR D 33 46.23 3.38 -11.65
N ILE D 34 46.59 2.98 -10.43
CA ILE D 34 45.78 2.11 -9.59
C ILE D 34 45.48 2.84 -8.29
N ASN D 35 44.21 3.00 -7.97
CA ASN D 35 43.78 3.69 -6.76
C ASN D 35 43.16 2.70 -5.79
N TRP D 36 43.59 2.76 -4.53
CA TRP D 36 43.13 1.85 -3.49
C TRP D 36 42.07 2.53 -2.63
N VAL D 37 40.97 1.82 -2.37
CA VAL D 37 39.82 2.37 -1.67
C VAL D 37 39.42 1.39 -0.56
N LYS D 38 39.07 1.94 0.60
CA LYS D 38 38.66 1.15 1.76
C LYS D 38 37.16 1.35 1.99
N GLN D 39 36.44 0.24 2.20
CA GLN D 39 35.02 0.30 2.53
C GLN D 39 34.77 -0.52 3.79
N ARG D 40 34.60 0.17 4.91
CA ARG D 40 34.09 -0.43 6.13
C ARG D 40 32.57 -0.43 6.13
N THR D 41 31.98 -1.38 6.84
CA THR D 41 30.53 -1.42 6.98
C THR D 41 30.03 -0.12 7.60
N GLY D 42 29.24 0.62 6.83
CA GLY D 42 28.62 1.84 7.33
C GLY D 42 29.49 3.07 7.32
N GLN D 43 30.69 3.01 6.76
CA GLN D 43 31.57 4.17 6.70
C GLN D 43 31.92 4.57 5.26
N GLY D 44 31.22 4.03 4.27
CA GLY D 44 31.39 4.41 2.89
C GLY D 44 32.77 4.10 2.36
N LEU D 45 33.23 4.96 1.45
CA LEU D 45 34.51 4.80 0.79
C LEU D 45 35.55 5.72 1.41
N GLU D 46 36.81 5.27 1.37
CA GLU D 46 37.93 6.05 1.88
C GLU D 46 39.14 5.82 0.98
N TRP D 47 39.78 6.90 0.57
CA TRP D 47 40.92 6.83 -0.34
C TRP D 47 42.19 6.53 0.45
N ILE D 48 42.94 5.53 0.00
CA ILE D 48 44.19 5.13 0.63
C ILE D 48 45.39 5.74 -0.08
N GLY D 49 45.48 5.54 -1.39
CA GLY D 49 46.62 6.00 -2.13
C GLY D 49 46.58 5.51 -3.56
N GLU D 50 47.57 5.95 -4.33
CA GLU D 50 47.62 5.67 -5.75
C GLU D 50 49.04 5.25 -6.13
N ILE D 51 49.14 4.37 -7.13
CA ILE D 51 50.43 3.94 -7.64
C ILE D 51 50.34 3.80 -9.15
N TYR D 52 51.38 4.29 -9.83
CA TYR D 52 51.55 4.04 -11.26
C TYR D 52 52.53 2.89 -11.42
N PRO D 53 52.06 1.69 -11.78
CA PRO D 53 52.99 0.55 -11.87
C PRO D 53 54.07 0.71 -12.92
N GLY D 54 53.82 1.46 -13.99
CA GLY D 54 54.83 1.63 -15.02
C GLY D 54 56.03 2.43 -14.57
N SER D 55 55.92 3.15 -13.45
CA SER D 55 57.01 4.00 -12.98
C SER D 55 57.30 3.88 -11.49
N GLY D 56 56.35 3.47 -10.66
CA GLY D 56 56.54 3.46 -9.23
C GLY D 56 56.10 4.74 -8.53
N ASN D 57 55.60 5.72 -9.27
CA ASN D 57 55.10 6.94 -8.65
C ASN D 57 53.90 6.63 -7.78
N THR D 58 53.97 7.07 -6.52
CA THR D 58 52.90 6.85 -5.56
C THR D 58 52.39 8.17 -5.01
N TYR D 59 51.12 8.17 -4.61
CA TYR D 59 50.49 9.31 -3.94
C TYR D 59 49.65 8.75 -2.82
N TYR D 60 49.88 9.22 -1.60
CA TYR D 60 49.28 8.65 -0.40
C TYR D 60 48.29 9.61 0.23
N ASN D 61 47.22 9.04 0.79
CA ASN D 61 46.51 9.71 1.86
C ASN D 61 47.38 9.66 3.11
N GLU D 62 47.78 10.84 3.60
CA GLU D 62 48.73 10.90 4.71
C GLU D 62 48.28 10.06 5.89
N LYS D 63 46.97 9.94 6.09
CA LYS D 63 46.44 9.11 7.17
C LYS D 63 46.90 7.66 7.08
N PHE D 64 47.27 7.19 5.89
CA PHE D 64 47.59 5.78 5.68
C PHE D 64 49.08 5.53 5.50
N LYS D 65 49.92 6.57 5.53
CA LYS D 65 51.36 6.37 5.49
C LYS D 65 51.81 5.62 6.74
N GLY D 66 52.67 4.63 6.54
CA GLY D 66 53.07 3.74 7.63
C GLY D 66 52.11 2.58 7.81
N LYS D 67 50.79 2.87 7.80
CA LYS D 67 49.80 1.82 7.88
C LYS D 67 49.75 0.99 6.60
N ALA D 68 49.81 1.65 5.45
CA ALA D 68 49.72 0.98 4.16
C ALA D 68 50.94 1.30 3.31
N THR D 69 51.44 0.28 2.61
CA THR D 69 52.59 0.42 1.72
C THR D 69 52.19 -0.06 0.33
N LEU D 70 52.37 0.80 -0.66
CA LEU D 70 51.96 0.52 -2.04
C LEU D 70 53.18 0.18 -2.89
N THR D 71 53.12 -0.95 -3.59
CA THR D 71 54.16 -1.38 -4.51
C THR D 71 53.51 -1.99 -5.75
N ALA D 72 54.34 -2.27 -6.76
CA ALA D 72 53.82 -2.81 -8.01
C ALA D 72 54.94 -3.49 -8.78
N ASP D 73 54.57 -4.53 -9.52
CA ASP D 73 55.50 -5.23 -10.40
C ASP D 73 55.01 -5.05 -11.83
N LYS D 74 55.78 -4.32 -12.63
CA LYS D 74 55.38 -4.01 -14.01
C LYS D 74 55.24 -5.26 -14.86
N SER D 75 56.07 -6.28 -14.62
CA SER D 75 56.11 -7.43 -15.51
C SER D 75 54.87 -8.31 -15.39
N SER D 76 54.38 -8.57 -14.18
CA SER D 76 53.12 -9.27 -14.01
C SER D 76 51.92 -8.33 -13.98
N SER D 77 52.16 -7.01 -14.09
CA SER D 77 51.09 -6.01 -14.12
C SER D 77 50.23 -6.07 -12.85
N THR D 78 50.87 -6.32 -11.71
CA THR D 78 50.19 -6.52 -10.45
C THR D 78 50.58 -5.42 -9.48
N ALA D 79 49.59 -4.78 -8.88
CA ALA D 79 49.79 -3.82 -7.80
C ALA D 79 49.57 -4.52 -6.47
N TYR D 80 50.38 -4.14 -5.48
CA TYR D 80 50.31 -4.73 -4.16
C TYR D 80 50.11 -3.65 -3.11
N MET D 81 49.41 -4.00 -2.03
CA MET D 81 49.23 -3.12 -0.89
C MET D 81 49.43 -3.92 0.38
N GLN D 82 50.46 -3.56 1.15
CA GLN D 82 50.71 -4.18 2.44
C GLN D 82 50.13 -3.32 3.55
N LEU D 83 49.30 -3.94 4.39
CA LEU D 83 48.78 -3.29 5.59
C LEU D 83 49.54 -3.85 6.79
N SER D 84 50.09 -2.96 7.61
CA SER D 84 50.99 -3.33 8.68
C SER D 84 50.49 -2.80 10.02
N SER D 85 50.94 -3.45 11.10
CA SER D 85 50.52 -3.12 12.46
C SER D 85 49.00 -3.14 12.56
N LEU D 86 48.42 -4.27 12.19
CA LEU D 86 46.98 -4.37 11.95
C LEU D 86 46.19 -4.15 13.24
N THR D 87 45.06 -3.47 13.10
CA THR D 87 44.08 -3.28 14.18
C THR D 87 42.70 -3.61 13.64
N SER D 88 41.72 -3.64 14.55
CA SER D 88 40.35 -3.96 14.16
C SER D 88 39.73 -2.87 13.29
N GLU D 89 40.22 -1.63 13.36
CA GLU D 89 39.75 -0.59 12.46
C GLU D 89 40.24 -0.80 11.04
N ASP D 90 41.24 -1.67 10.85
CA ASP D 90 41.69 -2.05 9.51
C ASP D 90 40.82 -3.14 8.89
N SER D 91 39.86 -3.69 9.63
CA SER D 91 38.91 -4.64 9.06
C SER D 91 38.01 -3.90 8.07
N ALA D 92 37.99 -4.35 6.83
CA ALA D 92 37.20 -3.72 5.77
C ALA D 92 37.33 -4.55 4.51
N VAL D 93 36.59 -4.13 3.48
CA VAL D 93 36.79 -4.59 2.11
C VAL D 93 37.62 -3.56 1.39
N TYR D 94 38.72 -3.99 0.77
CA TYR D 94 39.64 -3.10 0.09
C TYR D 94 39.54 -3.32 -1.41
N PHE D 95 39.29 -2.24 -2.15
CA PHE D 95 39.16 -2.28 -3.60
C PHE D 95 40.38 -1.65 -4.25
N CYS D 96 40.83 -2.23 -5.36
CA CYS D 96 41.72 -1.56 -6.28
C CYS D 96 40.90 -1.08 -7.49
N THR D 97 41.24 0.10 -7.99
CA THR D 97 40.52 0.69 -9.11
C THR D 97 41.53 1.23 -10.12
N ARG D 98 41.03 1.53 -11.32
CA ARG D 98 41.87 1.97 -12.42
C ARG D 98 41.10 2.98 -13.26
N GLY D 99 41.82 3.96 -13.82
CA GLY D 99 41.23 4.92 -14.72
C GLY D 99 40.99 4.34 -16.11
N GLY D 100 40.45 5.19 -17.00
CA GLY D 100 40.13 4.77 -18.34
C GLY D 100 41.30 4.89 -19.30
N VAL D 101 41.25 4.09 -20.36
CA VAL D 101 42.35 4.01 -21.32
C VAL D 101 42.38 5.29 -22.14
N TYR D 102 43.50 6.00 -22.09
CA TYR D 102 43.67 7.29 -22.75
C TYR D 102 42.65 8.33 -22.26
N TYR D 103 42.20 8.19 -21.02
CA TYR D 103 41.34 9.20 -20.43
C TYR D 103 42.18 10.39 -19.97
N GLY D 104 41.52 11.52 -19.78
CA GLY D 104 42.20 12.71 -19.32
C GLY D 104 42.41 12.72 -17.82
N TYR D 105 43.26 13.65 -17.38
CA TYR D 105 43.40 13.88 -15.95
C TYR D 105 42.10 14.36 -15.33
N ASP D 106 41.24 15.00 -16.13
CA ASP D 106 39.97 15.54 -15.67
C ASP D 106 38.80 14.62 -15.99
N ASP D 107 39.08 13.38 -16.35
CA ASP D 107 38.02 12.39 -16.55
C ASP D 107 37.80 11.62 -15.25
N ALA D 108 36.72 10.84 -15.22
CA ALA D 108 36.44 10.00 -14.07
C ALA D 108 37.61 9.08 -13.79
N TRP D 109 38.07 9.08 -12.54
CA TRP D 109 39.25 8.32 -12.15
C TRP D 109 38.94 6.87 -11.79
N PHE D 110 37.68 6.55 -11.51
CA PHE D 110 37.31 5.24 -10.98
C PHE D 110 36.47 4.50 -12.01
N VAL D 111 37.11 4.15 -13.13
CA VAL D 111 36.43 3.53 -14.25
C VAL D 111 36.34 2.02 -14.10
N TYR D 112 37.43 1.38 -13.70
CA TYR D 112 37.50 -0.07 -13.58
C TYR D 112 37.70 -0.46 -12.12
N TRP D 113 36.97 -1.47 -11.67
CA TRP D 113 36.95 -1.85 -10.27
C TRP D 113 37.27 -3.33 -10.12
N GLY D 114 38.13 -3.66 -9.16
CA GLY D 114 38.28 -5.04 -8.75
C GLY D 114 37.09 -5.50 -7.95
N GLN D 115 37.06 -6.80 -7.67
CA GLN D 115 35.93 -7.36 -6.92
C GLN D 115 35.99 -7.08 -5.43
N GLY D 116 37.13 -6.58 -4.93
CA GLY D 116 37.27 -6.31 -3.52
C GLY D 116 37.90 -7.45 -2.75
N THR D 117 38.72 -7.12 -1.77
CA THR D 117 39.37 -8.11 -0.90
C THR D 117 38.99 -7.82 0.55
N LEU D 118 38.39 -8.80 1.20
CA LEU D 118 37.97 -8.64 2.59
C LEU D 118 39.14 -8.90 3.53
N VAL D 119 39.38 -7.99 4.45
CA VAL D 119 40.39 -8.15 5.50
C VAL D 119 39.68 -8.11 6.83
N THR D 120 39.85 -9.16 7.64
CA THR D 120 39.29 -9.23 8.98
C THR D 120 40.44 -9.31 9.97
N VAL D 121 40.45 -8.38 10.93
CA VAL D 121 41.47 -8.32 11.97
C VAL D 121 40.78 -8.59 13.29
N SER D 122 41.21 -9.66 13.98
CA SER D 122 40.61 -10.01 15.26
C SER D 122 41.53 -10.93 16.03
N ALA D 123 41.53 -10.77 17.35
CA ALA D 123 42.26 -11.65 18.26
C ALA D 123 41.40 -12.79 18.78
N ALA D 124 40.19 -12.96 18.24
CA ALA D 124 39.30 -13.99 18.72
C ALA D 124 39.79 -15.38 18.30
N LYS D 125 39.50 -16.36 19.15
CA LYS D 125 39.76 -17.75 18.81
C LYS D 125 38.51 -18.35 18.18
N THR D 126 38.72 -19.44 17.42
CA THR D 126 37.60 -20.15 16.82
C THR D 126 36.59 -20.53 17.90
N THR D 127 35.40 -19.96 17.80
CA THR D 127 34.35 -20.13 18.78
C THR D 127 33.09 -20.63 18.09
N ALA D 128 32.42 -21.58 18.70
CA ALA D 128 31.16 -22.09 18.22
C ALA D 128 30.02 -21.21 18.71
N PRO D 129 28.90 -21.17 17.99
CA PRO D 129 27.81 -20.27 18.38
C PRO D 129 26.93 -20.85 19.46
N SER D 130 26.47 -19.97 20.34
CA SER D 130 25.31 -20.26 21.17
C SER D 130 24.06 -19.96 20.37
N VAL D 131 23.14 -20.91 20.32
CA VAL D 131 21.95 -20.81 19.48
C VAL D 131 20.73 -20.80 20.38
N TYR D 132 19.91 -19.75 20.28
CA TYR D 132 18.76 -19.58 21.15
C TYR D 132 17.49 -19.42 20.33
N PRO D 133 16.38 -20.00 20.80
CA PRO D 133 15.10 -19.81 20.11
C PRO D 133 14.44 -18.50 20.50
N LEU D 134 13.62 -17.99 19.59
CA LEU D 134 12.91 -16.73 19.79
C LEU D 134 11.44 -16.95 19.45
N ALA D 135 10.56 -16.56 20.37
CA ALA D 135 9.12 -16.74 20.16
C ALA D 135 8.32 -15.60 20.79
N SER D 144 -3.29 -13.98 14.05
CA SER D 144 -3.55 -14.80 12.86
C SER D 144 -2.26 -15.33 12.27
N SER D 145 -1.15 -14.65 12.56
CA SER D 145 0.16 -15.07 12.10
C SER D 145 1.16 -14.90 13.24
N VAL D 146 2.23 -15.70 13.18
CA VAL D 146 3.27 -15.70 14.20
C VAL D 146 4.62 -15.64 13.54
N THR D 147 5.55 -14.89 14.15
CA THR D 147 6.94 -14.84 13.70
C THR D 147 7.82 -15.51 14.74
N LEU D 148 8.60 -16.49 14.30
CA LEU D 148 9.55 -17.21 15.13
C LEU D 148 10.95 -16.77 14.76
N GLY D 149 11.92 -17.10 15.63
CA GLY D 149 13.28 -16.63 15.41
C GLY D 149 14.32 -17.57 15.97
N CYS D 150 15.56 -17.35 15.54
CA CYS D 150 16.70 -18.16 15.96
C CYS D 150 17.90 -17.23 16.07
N LEU D 151 18.39 -17.01 17.29
CA LEU D 151 19.51 -16.11 17.54
C LEU D 151 20.81 -16.91 17.57
N VAL D 152 21.73 -16.57 16.68
CA VAL D 152 23.02 -17.24 16.55
C VAL D 152 24.07 -16.27 17.09
N LYS D 153 24.52 -16.49 18.34
CA LYS D 153 25.30 -15.50 19.07
C LYS D 153 26.70 -16.02 19.36
N GLY D 154 27.69 -15.15 19.13
CA GLY D 154 29.02 -15.37 19.67
C GLY D 154 29.89 -16.38 18.97
N TYR D 155 29.81 -16.48 17.65
CA TYR D 155 30.65 -17.40 16.89
C TYR D 155 31.79 -16.65 16.23
N PHE D 156 32.82 -17.40 15.83
CA PHE D 156 33.97 -16.89 15.11
C PHE D 156 34.75 -18.06 14.51
N PRO D 157 35.19 -17.94 13.24
CA PRO D 157 34.97 -16.79 12.36
C PRO D 157 33.66 -16.92 11.59
N GLU D 158 33.37 -15.98 10.70
CA GLU D 158 32.35 -16.23 9.72
C GLU D 158 32.79 -17.40 8.84
N PRO D 159 31.84 -18.13 8.24
CA PRO D 159 30.39 -17.93 8.28
C PRO D 159 29.67 -18.94 9.17
N VAL D 160 28.39 -18.70 9.38
CA VAL D 160 27.48 -19.74 9.85
C VAL D 160 26.48 -20.03 8.75
N THR D 161 26.00 -21.24 8.74
CA THR D 161 24.94 -21.67 7.84
C THR D 161 23.68 -21.95 8.65
N LEU D 162 22.54 -21.47 8.16
CA LEU D 162 21.29 -21.62 8.88
C LEU D 162 20.19 -22.09 7.94
N THR D 163 19.46 -23.11 8.37
CA THR D 163 18.26 -23.58 7.67
C THR D 163 17.13 -23.72 8.68
N TRP D 164 15.93 -23.99 8.17
CA TRP D 164 14.76 -24.23 9.00
C TRP D 164 14.12 -25.55 8.58
N ASN D 165 13.80 -26.38 9.56
CA ASN D 165 13.24 -27.71 9.31
C ASN D 165 14.06 -28.49 8.28
N SER D 166 15.37 -28.52 8.51
CA SER D 166 16.32 -29.23 7.67
C SER D 166 16.25 -28.79 6.20
N GLY D 167 15.84 -27.55 5.97
CA GLY D 167 15.76 -26.99 4.63
C GLY D 167 14.40 -27.01 4.00
N SER D 168 13.43 -27.72 4.58
CA SER D 168 12.11 -27.84 3.95
C SER D 168 11.32 -26.55 4.03
N LEU D 169 11.46 -25.79 5.12
CA LEU D 169 10.70 -24.57 5.31
C LEU D 169 11.51 -23.39 4.80
N SER D 170 11.40 -23.15 3.49
CA SER D 170 12.12 -22.07 2.84
C SER D 170 11.30 -20.79 2.70
N SER D 171 9.98 -20.91 2.66
CA SER D 171 9.11 -19.74 2.51
C SER D 171 8.89 -19.05 3.85
N GLY D 172 8.82 -17.72 3.82
CA GLY D 172 8.63 -16.91 5.01
C GLY D 172 9.89 -16.63 5.79
N VAL D 173 11.07 -17.02 5.28
CA VAL D 173 12.31 -16.97 6.04
C VAL D 173 13.07 -15.70 5.70
N HIS D 174 13.50 -14.99 6.74
CA HIS D 174 14.40 -13.85 6.60
C HIS D 174 15.63 -14.10 7.47
N THR D 175 16.79 -14.23 6.84
CA THR D 175 18.05 -14.46 7.54
C THR D 175 18.92 -13.24 7.35
N PHE D 176 19.27 -12.60 8.46
CA PHE D 176 19.84 -11.26 8.51
C PHE D 176 21.36 -11.31 8.55
N PRO D 177 22.04 -10.21 8.23
CA PRO D 177 23.50 -10.22 8.19
C PRO D 177 24.12 -10.34 9.58
N ALA D 178 25.34 -10.85 9.61
CA ALA D 178 26.08 -10.96 10.86
C ALA D 178 26.59 -9.58 11.29
N VAL D 179 26.63 -9.38 12.60
CA VAL D 179 27.10 -8.14 13.19
C VAL D 179 28.03 -8.48 14.35
N LEU D 180 29.10 -7.71 14.49
CA LEU D 180 30.14 -7.99 15.48
C LEU D 180 29.75 -7.42 16.85
N GLN D 181 29.83 -8.25 17.87
CA GLN D 181 29.58 -7.85 19.26
C GLN D 181 30.56 -8.59 20.16
N SER D 182 31.36 -7.83 20.91
CA SER D 182 32.39 -8.40 21.79
C SER D 182 33.44 -9.19 21.02
N ASP D 183 33.77 -8.73 19.82
CA ASP D 183 34.70 -9.35 18.86
C ASP D 183 34.21 -10.69 18.33
N LEU D 184 32.98 -11.10 18.66
CA LEU D 184 32.37 -12.31 18.12
C LEU D 184 31.13 -11.93 17.31
N TYR D 185 30.79 -12.78 16.35
CA TYR D 185 29.72 -12.48 15.42
C TYR D 185 28.37 -12.93 15.96
N THR D 186 27.35 -12.13 15.70
CA THR D 186 25.98 -12.42 16.11
C THR D 186 25.07 -12.32 14.89
N LEU D 187 24.15 -13.27 14.77
CA LEU D 187 23.30 -13.38 13.58
C LEU D 187 21.92 -13.82 14.01
N SER D 188 20.92 -13.55 13.16
CA SER D 188 19.55 -13.93 13.45
C SER D 188 18.85 -14.38 12.17
N SER D 189 17.78 -15.14 12.35
CA SER D 189 16.89 -15.51 11.27
C SER D 189 15.49 -15.67 11.82
N SER D 190 14.49 -15.22 11.06
CA SER D 190 13.11 -15.31 11.46
C SER D 190 12.29 -16.03 10.39
N VAL D 191 11.19 -16.64 10.84
CA VAL D 191 10.25 -17.32 9.95
C VAL D 191 8.84 -17.03 10.46
N THR D 192 7.90 -16.86 9.53
CA THR D 192 6.51 -16.60 9.88
C THR D 192 5.62 -17.69 9.30
N VAL D 193 4.60 -18.08 10.06
CA VAL D 193 3.67 -19.14 9.70
C VAL D 193 2.25 -18.73 10.13
N THR D 194 1.28 -19.57 9.77
CA THR D 194 -0.08 -19.36 10.24
C THR D 194 -0.20 -19.69 11.72
N SER D 195 -1.14 -19.02 12.39
CA SER D 195 -1.17 -19.02 13.86
C SER D 195 -1.28 -20.44 14.42
N SER D 196 -2.09 -21.30 13.81
CA SER D 196 -2.39 -22.61 14.36
C SER D 196 -1.43 -23.71 13.90
N THR D 197 -0.41 -23.38 13.12
CA THR D 197 0.44 -24.40 12.52
C THR D 197 1.53 -24.88 13.48
N TRP D 198 2.32 -23.95 14.01
CA TRP D 198 3.48 -24.24 14.84
C TRP D 198 3.12 -24.89 16.19
N PRO D 199 2.00 -24.51 16.85
CA PRO D 199 1.61 -25.27 18.05
C PRO D 199 1.25 -26.72 17.78
N SER D 200 1.35 -27.16 16.52
CA SER D 200 1.06 -28.54 16.16
C SER D 200 2.21 -29.14 15.37
N GLN D 201 2.86 -28.33 14.54
CA GLN D 201 3.96 -28.78 13.69
C GLN D 201 5.25 -28.13 14.19
N SER D 202 6.25 -28.96 14.50
CA SER D 202 7.48 -28.48 15.10
C SER D 202 8.30 -27.67 14.09
N ILE D 203 8.82 -26.52 14.56
CA ILE D 203 9.73 -25.70 13.79
C ILE D 203 11.10 -25.75 14.47
N THR D 204 12.15 -25.94 13.68
CA THR D 204 13.49 -26.08 14.21
C THR D 204 14.47 -25.36 13.28
N CYS D 205 15.34 -24.54 13.87
CA CYS D 205 16.43 -23.93 13.13
C CYS D 205 17.67 -24.81 13.23
N ASN D 206 18.27 -25.11 12.08
CA ASN D 206 19.48 -25.91 12.00
C ASN D 206 20.64 -24.99 11.70
N VAL D 207 21.60 -24.93 12.63
CA VAL D 207 22.73 -24.01 12.55
C VAL D 207 24.01 -24.82 12.45
N ALA D 208 24.80 -24.56 11.42
CA ALA D 208 26.10 -25.20 11.24
C ALA D 208 27.17 -24.13 11.22
N HIS D 209 28.24 -24.35 11.98
CA HIS D 209 29.43 -23.50 11.98
C HIS D 209 30.59 -24.35 11.51
N PRO D 210 30.86 -24.37 10.19
CA PRO D 210 31.90 -25.30 9.66
C PRO D 210 33.25 -25.16 10.33
N ALA D 211 33.63 -23.94 10.71
CA ALA D 211 34.99 -23.72 11.23
C ALA D 211 35.23 -24.45 12.54
N SER D 212 34.21 -24.60 13.38
CA SER D 212 34.33 -25.33 14.63
C SER D 212 33.80 -26.75 14.51
N SER D 213 33.36 -27.17 13.31
CA SER D 213 32.75 -28.48 13.08
C SER D 213 31.52 -28.69 13.95
N THR D 214 30.72 -27.63 14.11
CA THR D 214 29.57 -27.63 14.99
C THR D 214 28.27 -27.65 14.20
N LYS D 215 27.33 -28.47 14.65
CA LYS D 215 25.96 -28.45 14.17
C LYS D 215 25.03 -28.46 15.36
N VAL D 216 24.01 -27.60 15.34
CA VAL D 216 23.06 -27.47 16.45
C VAL D 216 21.66 -27.34 15.88
N ASP D 217 20.74 -28.13 16.42
CA ASP D 217 19.32 -28.05 16.06
C ASP D 217 18.55 -27.55 17.27
N LYS D 218 17.73 -26.51 17.08
CA LYS D 218 16.97 -25.90 18.16
C LYS D 218 15.50 -25.85 17.77
N LYS D 219 14.68 -26.55 18.54
CA LYS D 219 13.23 -26.51 18.37
C LYS D 219 12.67 -25.25 19.02
N ILE D 220 11.77 -24.58 18.33
CA ILE D 220 11.07 -23.44 18.91
C ILE D 220 9.97 -23.97 19.83
N GLU D 221 9.98 -23.50 21.07
CA GLU D 221 8.99 -23.92 22.05
C GLU D 221 8.05 -22.77 22.37
N PRO D 222 6.74 -23.04 22.46
CA PRO D 222 5.80 -21.98 22.82
C PRO D 222 6.08 -21.43 24.21
N ARG D 223 6.03 -20.11 24.32
CA ARG D 223 6.36 -19.42 25.56
C ARG D 223 5.37 -19.78 26.68
N GLN E 1 9.52 0.40 -12.19
CA GLN E 1 8.86 0.99 -13.35
C GLN E 1 7.83 2.03 -12.93
N ALA E 2 7.34 2.82 -13.89
CA ALA E 2 6.31 3.80 -13.62
C ALA E 2 4.96 3.10 -13.47
N VAL E 3 3.90 3.89 -13.29
CA VAL E 3 2.55 3.38 -13.08
C VAL E 3 1.66 3.90 -14.18
N VAL E 4 1.01 2.98 -14.90
CA VAL E 4 0.11 3.31 -15.99
C VAL E 4 -1.31 2.97 -15.56
N THR E 5 -2.22 3.93 -15.70
CA THR E 5 -3.56 3.84 -15.12
C THR E 5 -4.63 3.85 -16.21
N GLN E 6 -5.60 2.95 -16.06
CA GLN E 6 -6.75 2.85 -16.95
C GLN E 6 -8.03 2.79 -16.13
N GLU E 7 -9.16 3.05 -16.80
CA GLU E 7 -10.45 2.78 -16.20
C GLU E 7 -10.55 1.29 -15.87
N SER E 8 -11.01 0.98 -14.65
CA SER E 8 -11.13 -0.42 -14.27
C SER E 8 -12.20 -1.12 -15.09
N ALA E 9 -13.33 -0.44 -15.32
CA ALA E 9 -14.43 -1.00 -16.08
C ALA E 9 -15.17 0.12 -16.80
N LEU E 10 -15.68 -0.20 -17.98
CA LEU E 10 -16.53 0.72 -18.72
C LEU E 10 -17.65 -0.08 -19.39
N THR E 11 -18.83 0.52 -19.47
CA THR E 11 -19.98 -0.11 -20.08
C THR E 11 -20.50 0.74 -21.23
N THR E 12 -20.77 0.09 -22.36
CA THR E 12 -21.31 0.75 -23.55
C THR E 12 -22.32 -0.20 -24.20
N SER E 13 -22.91 0.25 -25.30
CA SER E 13 -23.97 -0.48 -25.98
C SER E 13 -23.63 -0.64 -27.46
N PRO E 14 -24.18 -1.66 -28.11
CA PRO E 14 -23.87 -1.88 -29.53
C PRO E 14 -24.24 -0.68 -30.38
N GLY E 15 -23.30 -0.25 -31.23
CA GLY E 15 -23.49 0.90 -32.07
C GLY E 15 -23.06 2.22 -31.46
N GLU E 16 -22.72 2.24 -30.18
CA GLU E 16 -22.31 3.46 -29.50
C GLU E 16 -20.81 3.72 -29.73
N THR E 17 -20.33 4.83 -29.20
CA THR E 17 -18.92 5.19 -29.23
C THR E 17 -18.40 5.24 -27.80
N VAL E 18 -17.27 4.57 -27.55
CA VAL E 18 -16.68 4.50 -26.23
C VAL E 18 -15.20 4.83 -26.33
N THR E 19 -14.67 5.48 -25.29
CA THR E 19 -13.28 5.92 -25.27
C THR E 19 -12.61 5.40 -24.01
N LEU E 20 -11.50 4.70 -24.19
CA LEU E 20 -10.70 4.19 -23.09
C LEU E 20 -9.42 5.02 -23.01
N THR E 21 -9.00 5.35 -21.79
CA THR E 21 -7.85 6.23 -21.62
C THR E 21 -6.73 5.51 -20.89
N CYS E 22 -5.53 6.08 -21.02
CA CYS E 22 -4.29 5.45 -20.55
C CYS E 22 -3.37 6.57 -20.07
N ARG E 23 -3.17 6.66 -18.76
CA ARG E 23 -2.43 7.77 -18.16
C ARG E 23 -1.10 7.29 -17.58
N SER E 24 -0.08 8.12 -17.73
CA SER E 24 1.25 7.85 -17.18
C SER E 24 1.44 8.63 -15.89
N SER E 25 2.01 7.97 -14.89
CA SER E 25 2.31 8.64 -13.63
C SER E 25 3.44 9.65 -13.79
N THR E 26 4.31 9.45 -14.77
CA THR E 26 5.41 10.36 -15.06
C THR E 26 4.95 11.71 -15.61
N GLY E 27 3.65 11.97 -15.68
CA GLY E 27 3.18 13.24 -16.21
C GLY E 27 2.24 13.09 -17.38
N ALA E 28 2.73 13.37 -18.58
CA ALA E 28 1.90 13.37 -19.79
C ALA E 28 2.36 12.30 -20.76
N VAL E 29 1.40 11.64 -21.39
CA VAL E 29 1.70 10.61 -22.38
C VAL E 29 2.12 11.31 -23.67
N THR E 30 3.34 11.01 -24.12
CA THR E 30 3.91 11.61 -25.32
C THR E 30 3.99 10.56 -26.43
N SER E 31 4.28 11.05 -27.64
CA SER E 31 4.49 10.15 -28.77
C SER E 31 5.63 9.17 -28.50
N SER E 32 6.61 9.57 -27.69
CA SER E 32 7.76 8.73 -27.38
C SER E 32 7.44 7.65 -26.35
N ASN E 33 6.21 7.57 -25.85
CA ASN E 33 5.78 6.41 -25.10
C ASN E 33 5.26 5.30 -26.00
N TYR E 34 4.98 5.61 -27.26
CA TYR E 34 4.57 4.64 -28.28
C TYR E 34 3.46 3.73 -27.77
N ALA E 35 2.35 4.37 -27.42
CA ALA E 35 1.26 3.71 -26.70
C ALA E 35 0.74 2.51 -27.49
N ASN E 36 0.79 1.34 -26.86
CA ASN E 36 0.25 0.12 -27.42
C ASN E 36 -1.07 -0.24 -26.75
N TRP E 37 -1.95 -0.89 -27.49
CA TRP E 37 -3.21 -1.41 -26.96
C TRP E 37 -3.35 -2.87 -27.34
N VAL E 38 -3.82 -3.68 -26.39
CA VAL E 38 -4.00 -5.11 -26.58
C VAL E 38 -5.38 -5.51 -26.08
N GLN E 39 -6.08 -6.32 -26.88
CA GLN E 39 -7.38 -6.85 -26.50
C GLN E 39 -7.22 -8.28 -26.00
N GLU E 40 -7.78 -8.56 -24.82
CA GLU E 40 -7.83 -9.91 -24.29
C GLU E 40 -9.27 -10.39 -24.29
N LYS E 41 -9.55 -11.41 -25.08
CA LYS E 41 -10.84 -12.09 -25.05
C LYS E 41 -10.72 -13.37 -24.23
N PRO E 42 -11.83 -13.93 -23.76
CA PRO E 42 -11.75 -15.11 -22.88
C PRO E 42 -11.04 -16.28 -23.55
N ASP E 43 -10.44 -17.13 -22.70
CA ASP E 43 -9.62 -18.27 -23.09
C ASP E 43 -8.28 -17.85 -23.71
N HIS E 44 -7.71 -16.75 -23.22
CA HIS E 44 -6.39 -16.28 -23.64
C HIS E 44 -6.33 -15.96 -25.13
N LEU E 45 -7.36 -15.28 -25.63
CA LEU E 45 -7.40 -14.85 -27.03
C LEU E 45 -6.97 -13.39 -27.06
N PHE E 46 -5.70 -13.16 -27.38
CA PHE E 46 -5.11 -11.83 -27.36
C PHE E 46 -4.96 -11.28 -28.78
N THR E 47 -5.23 -9.98 -28.93
CA THR E 47 -5.07 -9.29 -30.20
C THR E 47 -4.29 -8.00 -29.97
N GLY E 48 -3.25 -7.78 -30.77
CA GLY E 48 -2.57 -6.50 -30.77
C GLY E 48 -3.29 -5.49 -31.63
N LEU E 49 -3.89 -4.48 -31.00
CA LEU E 49 -4.77 -3.53 -31.68
C LEU E 49 -4.04 -2.32 -32.23
N ILE E 50 -3.17 -1.71 -31.42
CA ILE E 50 -2.63 -0.39 -31.72
C ILE E 50 -1.16 -0.37 -31.31
N GLY E 51 -0.35 0.32 -32.12
CA GLY E 51 1.01 0.67 -31.72
C GLY E 51 1.31 2.10 -32.10
N GLY E 52 2.39 2.62 -31.53
CA GLY E 52 2.81 3.98 -31.86
C GLY E 52 1.71 5.01 -31.74
N THR E 53 0.92 4.92 -30.66
CA THR E 53 -0.18 5.82 -30.33
C THR E 53 -1.42 5.60 -31.21
N ASN E 54 -1.24 5.55 -32.53
CA ASN E 54 -2.40 5.59 -33.42
C ASN E 54 -2.31 4.65 -34.61
N ASN E 55 -1.32 3.77 -34.67
CA ASN E 55 -1.11 2.93 -35.85
C ASN E 55 -1.87 1.62 -35.67
N ARG E 56 -3.06 1.54 -36.24
CA ARG E 56 -3.87 0.33 -36.11
C ARG E 56 -3.24 -0.81 -36.88
N ALA E 57 -3.13 -1.96 -36.22
CA ALA E 57 -2.52 -3.13 -36.84
C ALA E 57 -3.39 -3.67 -37.96
N PRO E 58 -2.80 -4.34 -38.95
CA PRO E 58 -3.60 -4.97 -40.02
C PRO E 58 -4.51 -6.06 -39.47
N GLY E 59 -5.66 -6.22 -40.10
CA GLY E 59 -6.67 -7.15 -39.66
C GLY E 59 -7.54 -6.66 -38.54
N VAL E 60 -7.14 -5.60 -37.85
CA VAL E 60 -7.95 -5.03 -36.77
C VAL E 60 -9.07 -4.20 -37.39
N PRO E 61 -10.32 -4.38 -36.95
CA PRO E 61 -11.44 -3.64 -37.56
C PRO E 61 -11.24 -2.14 -37.47
N ALA E 62 -11.86 -1.44 -38.42
CA ALA E 62 -11.65 0.01 -38.54
C ALA E 62 -12.29 0.79 -37.41
N ARG E 63 -13.19 0.18 -36.64
CA ARG E 63 -13.82 0.91 -35.54
C ARG E 63 -12.86 1.18 -34.39
N PHE E 64 -11.69 0.53 -34.38
CA PHE E 64 -10.66 0.82 -33.40
C PHE E 64 -9.74 1.91 -33.93
N SER E 65 -9.43 2.88 -33.07
CA SER E 65 -8.47 3.91 -33.42
C SER E 65 -7.82 4.43 -32.14
N GLY E 66 -6.53 4.69 -32.21
CA GLY E 66 -5.80 5.26 -31.09
C GLY E 66 -5.48 6.71 -31.32
N SER E 67 -5.22 7.46 -30.25
CA SER E 67 -4.93 8.89 -30.33
C SER E 67 -4.44 9.36 -28.97
N LEU E 68 -4.11 10.64 -28.89
CA LEU E 68 -3.83 11.32 -27.63
C LEU E 68 -4.95 12.30 -27.35
N ILE E 69 -5.52 12.22 -26.15
CA ILE E 69 -6.56 13.13 -25.70
C ILE E 69 -6.03 13.82 -24.46
N GLY E 70 -5.57 15.06 -24.62
CA GLY E 70 -4.96 15.76 -23.50
C GLY E 70 -3.62 15.14 -23.15
N ASP E 71 -3.38 14.95 -21.85
CA ASP E 71 -2.15 14.36 -21.35
C ASP E 71 -2.21 12.84 -21.31
N LYS E 72 -3.17 12.22 -22.00
CA LYS E 72 -3.39 10.79 -21.90
C LYS E 72 -3.50 10.17 -23.29
N ALA E 73 -3.12 8.89 -23.37
CA ALA E 73 -3.38 8.10 -24.57
C ALA E 73 -4.79 7.54 -24.50
N ALA E 74 -5.38 7.29 -25.67
CA ALA E 74 -6.77 6.89 -25.73
C ALA E 74 -7.01 5.88 -26.83
N LEU E 75 -7.93 4.96 -26.57
CA LEU E 75 -8.44 4.02 -27.55
C LEU E 75 -9.94 4.27 -27.70
N THR E 76 -10.37 4.57 -28.92
CA THR E 76 -11.76 4.87 -29.21
C THR E 76 -12.35 3.76 -30.07
N ILE E 77 -13.50 3.24 -29.67
CA ILE E 77 -14.25 2.27 -30.45
C ILE E 77 -15.53 2.94 -30.92
N THR E 78 -15.63 3.13 -32.24
CA THR E 78 -16.78 3.80 -32.84
C THR E 78 -17.70 2.75 -33.43
N GLY E 79 -18.94 2.68 -32.92
CA GLY E 79 -19.85 1.65 -33.34
C GLY E 79 -19.47 0.31 -32.76
N ALA E 80 -19.41 0.25 -31.43
CA ALA E 80 -18.97 -0.96 -30.74
C ALA E 80 -19.89 -2.13 -31.05
N GLN E 81 -19.29 -3.29 -31.25
CA GLN E 81 -20.02 -4.54 -31.41
C GLN E 81 -19.91 -5.35 -30.12
N THR E 82 -20.77 -6.37 -30.00
CA THR E 82 -20.64 -7.28 -28.87
C THR E 82 -19.36 -8.09 -28.94
N GLU E 83 -18.77 -8.23 -30.13
CA GLU E 83 -17.43 -8.78 -30.24
C GLU E 83 -16.49 -8.12 -29.24
N ASP E 84 -16.69 -6.83 -28.99
CA ASP E 84 -15.73 -5.99 -28.30
C ASP E 84 -15.87 -6.04 -26.78
N GLU E 85 -16.86 -6.76 -26.25
CA GLU E 85 -16.86 -7.09 -24.82
C GLU E 85 -15.59 -7.85 -24.48
N ALA E 86 -14.62 -7.19 -23.86
CA ALA E 86 -13.31 -7.78 -23.63
C ALA E 86 -12.55 -6.92 -22.63
N ILE E 87 -11.32 -7.32 -22.34
CA ILE E 87 -10.40 -6.54 -21.52
C ILE E 87 -9.38 -5.89 -22.44
N TYR E 88 -9.12 -4.60 -22.22
CA TYR E 88 -8.20 -3.83 -23.05
C TYR E 88 -7.06 -3.32 -22.19
N PHE E 89 -5.84 -3.70 -22.54
CA PHE E 89 -4.64 -3.22 -21.86
C PHE E 89 -3.94 -2.21 -22.75
N CYS E 90 -3.47 -1.13 -22.15
CA CYS E 90 -2.52 -0.23 -22.78
C CYS E 90 -1.14 -0.48 -22.20
N ALA E 91 -0.12 -0.10 -22.97
CA ALA E 91 1.26 -0.27 -22.53
C ALA E 91 2.07 0.91 -23.04
N LEU E 92 2.92 1.46 -22.18
CA LEU E 92 3.74 2.59 -22.51
C LEU E 92 5.21 2.22 -22.43
N TRP E 93 6.00 2.81 -23.33
CA TRP E 93 7.44 2.62 -23.38
C TRP E 93 8.12 3.74 -22.62
N TYR E 94 9.14 3.37 -21.82
CA TYR E 94 9.89 4.33 -21.01
C TYR E 94 11.39 4.12 -21.29
N SER E 95 11.80 4.50 -22.50
CA SER E 95 13.21 4.50 -22.93
C SER E 95 13.80 3.10 -23.04
N ASN E 96 13.69 2.29 -21.97
CA ASN E 96 14.29 0.97 -21.98
C ASN E 96 13.40 -0.13 -21.40
N HIS E 97 12.17 0.17 -21.00
CA HIS E 97 11.29 -0.86 -20.47
C HIS E 97 9.85 -0.50 -20.76
N LEU E 98 8.98 -1.50 -20.62
CA LEU E 98 7.56 -1.38 -20.94
C LEU E 98 6.73 -1.62 -19.70
N VAL E 99 5.61 -0.90 -19.60
CA VAL E 99 4.70 -1.01 -18.45
C VAL E 99 3.29 -1.14 -18.98
N PHE E 100 2.60 -2.21 -18.58
CA PHE E 100 1.19 -2.37 -18.91
C PHE E 100 0.33 -1.60 -17.92
N GLY E 101 -0.74 -1.01 -18.43
CA GLY E 101 -1.79 -0.52 -17.56
C GLY E 101 -2.54 -1.68 -16.95
N GLY E 102 -3.36 -1.36 -15.94
CA GLY E 102 -4.12 -2.39 -15.26
C GLY E 102 -5.19 -3.06 -16.10
N GLY E 103 -5.55 -2.48 -17.25
CA GLY E 103 -6.57 -3.06 -18.10
C GLY E 103 -7.96 -2.55 -17.82
N THR E 104 -8.76 -2.41 -18.87
CA THR E 104 -10.14 -1.94 -18.76
C THR E 104 -11.07 -3.06 -19.21
N LYS E 105 -11.96 -3.49 -18.32
CA LYS E 105 -12.99 -4.47 -18.67
C LYS E 105 -14.11 -3.73 -19.40
N LEU E 106 -14.18 -3.93 -20.72
CA LEU E 106 -15.19 -3.27 -21.53
C LEU E 106 -16.43 -4.14 -21.62
N THR E 107 -17.57 -3.60 -21.18
CA THR E 107 -18.85 -4.26 -21.30
C THR E 107 -19.61 -3.66 -22.48
N VAL E 108 -19.92 -4.48 -23.47
CA VAL E 108 -20.79 -4.06 -24.57
C VAL E 108 -22.12 -4.79 -24.41
N LEU E 109 -23.09 -4.13 -23.77
CA LEU E 109 -24.36 -4.74 -23.40
C LEU E 109 -25.03 -5.47 -24.55
N GLY E 110 -24.90 -6.80 -24.59
CA GLY E 110 -25.50 -7.59 -25.64
C GLY E 110 -26.75 -8.31 -25.17
N GLN E 111 -27.11 -8.07 -23.92
CA GLN E 111 -28.31 -8.61 -23.32
C GLN E 111 -28.73 -7.64 -22.23
N PRO E 112 -29.98 -7.73 -21.74
CA PRO E 112 -30.40 -6.80 -20.69
C PRO E 112 -29.57 -6.99 -19.42
N LYS E 113 -29.44 -5.90 -18.66
CA LYS E 113 -28.73 -5.97 -17.39
C LYS E 113 -29.47 -6.92 -16.45
N SER E 114 -28.69 -7.58 -15.59
CA SER E 114 -29.22 -8.62 -14.73
C SER E 114 -28.57 -8.51 -13.36
N SER E 115 -29.38 -8.64 -12.31
CA SER E 115 -28.91 -8.50 -10.94
C SER E 115 -28.43 -9.83 -10.39
N PRO E 116 -27.52 -9.81 -9.41
CA PRO E 116 -26.90 -11.06 -8.96
C PRO E 116 -27.82 -11.88 -8.07
N SER E 117 -27.96 -13.17 -8.41
CA SER E 117 -28.64 -14.13 -7.54
C SER E 117 -27.66 -14.60 -6.49
N VAL E 118 -27.92 -14.24 -5.24
CA VAL E 118 -27.01 -14.54 -4.13
C VAL E 118 -27.60 -15.64 -3.27
N THR E 119 -26.76 -16.61 -2.90
CA THR E 119 -27.13 -17.66 -1.96
C THR E 119 -25.97 -17.86 -0.99
N LEU E 120 -26.31 -17.97 0.30
CA LEU E 120 -25.32 -18.08 1.36
C LEU E 120 -25.56 -19.36 2.14
N PHE E 121 -24.49 -20.13 2.33
CA PHE E 121 -24.54 -21.41 3.03
C PHE E 121 -23.72 -21.36 4.31
N PRO E 122 -24.21 -21.96 5.39
CA PRO E 122 -23.44 -21.98 6.64
C PRO E 122 -22.41 -23.09 6.62
N PRO E 123 -21.46 -23.10 7.56
CA PRO E 123 -20.56 -24.25 7.65
C PRO E 123 -21.32 -25.52 7.95
N SER E 124 -20.81 -26.63 7.44
CA SER E 124 -21.38 -27.92 7.77
C SER E 124 -20.94 -28.34 9.16
N SER E 125 -21.81 -29.07 9.85
CA SER E 125 -21.43 -29.62 11.15
C SER E 125 -20.23 -30.55 11.03
N GLU E 126 -20.06 -31.17 9.86
CA GLU E 126 -18.92 -32.05 9.64
C GLU E 126 -17.62 -31.27 9.55
N GLU E 127 -17.64 -30.11 8.88
CA GLU E 127 -16.45 -29.26 8.85
C GLU E 127 -16.10 -28.77 10.25
N LEU E 128 -17.11 -28.42 11.05
CA LEU E 128 -16.85 -27.86 12.37
C LEU E 128 -16.08 -28.82 13.25
N GLU E 129 -16.23 -30.13 13.03
CA GLU E 129 -15.50 -31.11 13.81
C GLU E 129 -13.99 -30.99 13.61
N THR E 130 -13.55 -30.35 12.53
CA THR E 130 -12.13 -30.11 12.29
C THR E 130 -11.67 -28.75 12.79
N ASN E 131 -12.51 -28.04 13.55
CA ASN E 131 -12.22 -26.70 14.05
C ASN E 131 -12.04 -25.71 12.89
N LYS E 132 -12.82 -25.90 11.84
CA LYS E 132 -12.85 -24.97 10.71
C LYS E 132 -14.30 -24.70 10.32
N ALA E 133 -14.54 -23.49 9.83
CA ALA E 133 -15.89 -23.10 9.42
C ALA E 133 -15.78 -22.21 8.20
N THR E 134 -16.26 -22.69 7.06
CA THR E 134 -16.27 -21.93 5.82
C THR E 134 -17.70 -21.55 5.49
N LEU E 135 -17.95 -20.25 5.34
CA LEU E 135 -19.22 -19.80 4.78
C LEU E 135 -19.04 -19.58 3.29
N VAL E 136 -20.03 -20.04 2.52
CA VAL E 136 -19.97 -20.01 1.07
C VAL E 136 -21.03 -19.07 0.55
N CYS E 137 -20.62 -18.08 -0.24
CA CYS E 137 -21.51 -17.10 -0.83
C CYS E 137 -21.43 -17.24 -2.35
N THR E 138 -22.44 -17.86 -2.96
CA THR E 138 -22.49 -18.04 -4.40
C THR E 138 -23.30 -16.91 -5.04
N ILE E 139 -22.76 -16.39 -6.14
CA ILE E 139 -23.32 -15.24 -6.86
C ILE E 139 -23.43 -15.63 -8.31
N THR E 140 -24.63 -15.50 -8.88
CA THR E 140 -24.87 -15.94 -10.25
C THR E 140 -25.74 -14.91 -10.98
N ASP E 141 -25.80 -15.10 -12.29
CA ASP E 141 -26.70 -14.38 -13.20
C ASP E 141 -26.61 -12.87 -13.02
N PHE E 142 -25.40 -12.34 -12.99
CA PHE E 142 -25.23 -10.90 -12.96
C PHE E 142 -24.51 -10.44 -14.22
N TYR E 143 -25.04 -9.36 -14.81
CA TYR E 143 -24.54 -8.71 -16.01
C TYR E 143 -24.77 -7.20 -15.89
N PRO E 144 -23.73 -6.37 -16.02
CA PRO E 144 -22.33 -6.66 -16.34
C PRO E 144 -21.60 -7.52 -15.30
N GLY E 145 -20.43 -8.04 -15.68
CA GLY E 145 -19.70 -8.95 -14.82
C GLY E 145 -18.76 -8.27 -13.85
N VAL E 146 -19.28 -7.29 -13.13
CA VAL E 146 -18.53 -6.56 -12.11
C VAL E 146 -19.32 -6.59 -10.81
N VAL E 147 -18.69 -7.06 -9.73
CA VAL E 147 -19.30 -7.04 -8.41
C VAL E 147 -18.23 -6.76 -7.36
N THR E 148 -18.64 -6.15 -6.26
CA THR E 148 -17.86 -6.09 -5.03
C THR E 148 -18.57 -6.93 -3.98
N VAL E 149 -17.79 -7.68 -3.19
CA VAL E 149 -18.34 -8.58 -2.18
C VAL E 149 -17.88 -8.12 -0.81
N ASP E 150 -18.82 -7.93 0.11
CA ASP E 150 -18.54 -7.46 1.45
C ASP E 150 -19.11 -8.44 2.47
N TRP E 151 -18.28 -8.87 3.41
CA TRP E 151 -18.68 -9.78 4.48
C TRP E 151 -18.90 -9.01 5.77
N LYS E 152 -19.94 -9.40 6.51
CA LYS E 152 -20.25 -8.79 7.80
C LYS E 152 -20.45 -9.88 8.84
N VAL E 153 -19.95 -9.64 10.05
CA VAL E 153 -20.20 -10.50 11.20
C VAL E 153 -20.75 -9.64 12.34
N ASP E 154 -21.89 -10.06 12.90
CA ASP E 154 -22.61 -9.27 13.88
C ASP E 154 -22.71 -7.81 13.47
N GLY E 155 -22.82 -7.55 12.16
CA GLY E 155 -22.89 -6.22 11.61
C GLY E 155 -21.56 -5.58 11.26
N THR E 156 -20.46 -6.05 11.84
CA THR E 156 -19.16 -5.40 11.63
C THR E 156 -18.47 -5.93 10.38
N PRO E 157 -17.88 -5.04 9.58
CA PRO E 157 -17.19 -5.48 8.36
C PRO E 157 -16.00 -6.39 8.68
N VAL E 158 -15.88 -7.48 7.92
CA VAL E 158 -14.77 -8.40 7.99
C VAL E 158 -13.69 -7.93 7.03
N THR E 159 -12.42 -8.11 7.41
CA THR E 159 -11.31 -7.64 6.58
C THR E 159 -10.20 -8.68 6.43
N GLN E 160 -10.39 -9.90 6.92
CA GLN E 160 -9.35 -10.92 6.81
C GLN E 160 -9.99 -12.30 6.76
N GLY E 161 -9.32 -13.22 6.09
CA GLY E 161 -9.79 -14.60 6.01
C GLY E 161 -10.82 -14.86 4.94
N MET E 162 -10.92 -14.00 3.93
CA MET E 162 -11.91 -14.15 2.87
C MET E 162 -11.22 -14.19 1.50
N GLU E 163 -11.76 -15.03 0.61
CA GLU E 163 -11.26 -15.18 -0.74
C GLU E 163 -12.44 -15.11 -1.71
N THR E 164 -12.22 -14.49 -2.86
CA THR E 164 -13.28 -14.28 -3.84
C THR E 164 -12.76 -14.59 -5.23
N THR E 165 -13.53 -15.35 -6.00
CA THR E 165 -13.16 -15.67 -7.36
C THR E 165 -13.40 -14.48 -8.28
N GLN E 166 -12.61 -14.40 -9.34
CA GLN E 166 -12.87 -13.42 -10.39
C GLN E 166 -14.13 -13.82 -11.13
N PRO E 167 -14.97 -12.85 -11.52
CA PRO E 167 -16.19 -13.18 -12.27
C PRO E 167 -15.86 -13.90 -13.58
N SER E 168 -16.49 -15.05 -13.77
CA SER E 168 -16.38 -15.80 -15.01
C SER E 168 -17.76 -15.92 -15.65
N LYS E 169 -17.78 -16.04 -16.97
CA LYS E 169 -19.02 -15.99 -17.72
C LYS E 169 -19.73 -17.34 -17.69
N GLN E 170 -21.05 -17.31 -17.45
CA GLN E 170 -21.86 -18.50 -17.56
C GLN E 170 -22.17 -18.80 -19.02
N SER E 171 -22.85 -19.92 -19.26
CA SER E 171 -23.23 -20.31 -20.62
C SER E 171 -24.30 -19.39 -21.21
N ASN E 172 -24.95 -18.56 -20.40
CA ASN E 172 -25.93 -17.59 -20.89
C ASN E 172 -25.36 -16.19 -21.00
N ASN E 173 -24.04 -16.07 -21.08
CA ASN E 173 -23.30 -14.81 -21.22
C ASN E 173 -23.51 -13.87 -20.04
N LYS E 174 -24.14 -14.33 -18.97
CA LYS E 174 -24.08 -13.67 -17.68
C LYS E 174 -22.87 -14.18 -16.91
N TYR E 175 -22.59 -13.56 -15.76
CA TYR E 175 -21.39 -13.86 -15.01
C TYR E 175 -21.72 -14.46 -13.65
N MET E 176 -20.77 -15.21 -13.10
CA MET E 176 -20.92 -15.82 -11.79
C MET E 176 -19.62 -15.71 -11.01
N ALA E 177 -19.75 -15.70 -9.68
CA ALA E 177 -18.60 -15.68 -8.79
C ALA E 177 -18.98 -16.32 -7.47
N SER E 178 -17.98 -16.56 -6.63
CA SER E 178 -18.20 -17.12 -5.32
C SER E 178 -17.19 -16.51 -4.35
N SER E 179 -17.60 -16.40 -3.09
CA SER E 179 -16.75 -15.85 -2.05
C SER E 179 -16.82 -16.74 -0.82
N TYR E 180 -15.68 -16.91 -0.15
CA TYR E 180 -15.55 -17.80 0.99
C TYR E 180 -15.05 -17.01 2.20
N LEU E 181 -15.67 -17.24 3.36
CA LEU E 181 -15.21 -16.69 4.62
C LEU E 181 -14.86 -17.86 5.53
N THR E 182 -13.58 -17.96 5.90
CA THR E 182 -13.06 -19.09 6.66
C THR E 182 -12.81 -18.66 8.09
N LEU E 183 -13.46 -19.34 9.03
CA LEU E 183 -13.30 -19.08 10.45
C LEU E 183 -12.81 -20.35 11.14
N THR E 184 -12.38 -20.19 12.39
CA THR E 184 -12.30 -21.34 13.27
C THR E 184 -13.70 -21.71 13.75
N ALA E 185 -13.87 -22.98 14.16
CA ALA E 185 -15.15 -23.37 14.73
C ALA E 185 -15.46 -22.55 15.95
N ARG E 186 -14.41 -22.18 16.67
CA ARG E 186 -14.56 -21.37 17.85
C ARG E 186 -15.24 -20.04 17.54
N ALA E 187 -14.74 -19.34 16.53
CA ALA E 187 -15.28 -18.04 16.19
C ALA E 187 -16.70 -18.16 15.65
N TRP E 188 -16.96 -19.17 14.82
CA TRP E 188 -18.32 -19.43 14.35
C TRP E 188 -19.27 -19.63 15.53
N GLU E 189 -18.79 -20.25 16.60
CA GLU E 189 -19.60 -20.49 17.78
C GLU E 189 -19.88 -19.22 18.58
N ARG E 190 -19.03 -18.19 18.43
CA ARG E 190 -19.21 -16.96 19.21
C ARG E 190 -20.31 -16.07 18.62
N HIS E 191 -20.18 -15.75 17.34
CA HIS E 191 -21.06 -14.76 16.73
C HIS E 191 -22.37 -15.38 16.28
N SER E 192 -23.40 -14.53 16.20
CA SER E 192 -24.75 -14.99 15.86
C SER E 192 -25.17 -14.63 14.45
N SER E 193 -24.62 -13.57 13.86
CA SER E 193 -25.09 -13.04 12.59
C SER E 193 -23.95 -12.95 11.59
N TYR E 194 -24.19 -13.45 10.38
CA TYR E 194 -23.23 -13.41 9.28
C TYR E 194 -23.97 -12.99 8.02
N SER E 195 -23.31 -12.17 7.19
CA SER E 195 -23.95 -11.62 6.00
C SER E 195 -22.96 -11.49 4.86
N CYS E 196 -23.43 -11.79 3.65
CA CYS E 196 -22.67 -11.60 2.41
C CYS E 196 -23.42 -10.60 1.55
N GLN E 197 -22.76 -9.50 1.20
CA GLN E 197 -23.39 -8.37 0.52
C GLN E 197 -22.66 -8.10 -0.79
N VAL E 198 -23.35 -8.34 -1.90
CA VAL E 198 -22.80 -8.20 -3.23
C VAL E 198 -23.33 -6.90 -3.81
N THR E 199 -22.43 -6.06 -4.30
CA THR E 199 -22.77 -4.78 -4.89
C THR E 199 -22.61 -4.86 -6.40
N HIS E 200 -23.70 -4.55 -7.11
CA HIS E 200 -23.75 -4.66 -8.57
C HIS E 200 -24.58 -3.52 -9.13
N GLU E 201 -23.99 -2.76 -10.06
CA GLU E 201 -24.63 -1.59 -10.66
C GLU E 201 -25.18 -0.65 -9.60
N GLY E 202 -24.35 -0.38 -8.59
CA GLY E 202 -24.69 0.52 -7.51
C GLY E 202 -25.72 0.01 -6.52
N HIS E 203 -26.23 -1.20 -6.68
CA HIS E 203 -27.25 -1.75 -5.81
C HIS E 203 -26.78 -3.06 -5.18
N THR E 204 -27.26 -3.31 -3.96
CA THR E 204 -26.75 -4.40 -3.13
C THR E 204 -27.81 -5.49 -2.98
N VAL E 205 -27.39 -6.74 -3.17
CA VAL E 205 -28.19 -7.91 -2.85
C VAL E 205 -27.58 -8.57 -1.63
N GLU E 206 -28.41 -8.92 -0.65
CA GLU E 206 -27.93 -9.41 0.63
C GLU E 206 -28.58 -10.74 0.98
N LYS E 207 -27.74 -11.67 1.47
CA LYS E 207 -28.18 -12.85 2.17
C LYS E 207 -27.44 -12.90 3.49
N SER E 208 -28.11 -13.43 4.52
CA SER E 208 -27.50 -13.43 5.85
C SER E 208 -28.04 -14.60 6.66
N LEU E 209 -27.31 -14.93 7.72
CA LEU E 209 -27.63 -16.07 8.58
C LEU E 209 -27.68 -15.67 10.05
N GLN F 1 0.97 -19.26 -41.35
CA GLN F 1 1.12 -18.05 -40.55
C GLN F 1 2.28 -18.18 -39.56
N VAL F 2 2.67 -17.05 -38.95
CA VAL F 2 3.62 -17.10 -37.85
C VAL F 2 2.93 -17.73 -36.65
N GLN F 3 3.64 -18.65 -35.98
CA GLN F 3 3.07 -19.36 -34.85
C GLN F 3 4.10 -19.45 -33.73
N LEU F 4 3.62 -19.40 -32.49
CA LEU F 4 4.44 -19.52 -31.29
C LEU F 4 3.91 -20.67 -30.46
N GLN F 5 4.76 -21.66 -30.21
CA GLN F 5 4.39 -22.87 -29.48
C GLN F 5 5.18 -22.93 -28.18
N GLN F 6 4.47 -22.93 -27.06
CA GLN F 6 5.10 -22.84 -25.74
C GLN F 6 5.13 -24.21 -25.06
N SER F 7 6.01 -24.33 -24.06
CA SER F 7 6.17 -25.57 -23.33
C SER F 7 4.97 -25.82 -22.41
N GLY F 8 4.93 -27.04 -21.86
CA GLY F 8 3.79 -27.48 -21.08
C GLY F 8 3.75 -26.94 -19.66
N ALA F 9 2.60 -27.15 -19.01
CA ALA F 9 2.38 -26.66 -17.66
C ALA F 9 3.44 -27.20 -16.71
N GLU F 10 3.77 -26.39 -15.71
CA GLU F 10 4.91 -26.65 -14.83
C GLU F 10 4.46 -26.53 -13.39
N LEU F 11 4.77 -27.55 -12.59
CA LEU F 11 4.56 -27.52 -11.14
C LEU F 11 5.93 -27.55 -10.46
N ALA F 12 6.18 -26.59 -9.58
CA ALA F 12 7.49 -26.43 -8.98
C ALA F 12 7.35 -26.09 -7.50
N ARG F 13 8.42 -26.35 -6.76
CA ARG F 13 8.51 -26.06 -5.34
C ARG F 13 9.26 -24.76 -5.11
N PRO F 14 9.05 -24.10 -3.97
CA PRO F 14 9.78 -22.86 -3.69
C PRO F 14 11.28 -23.08 -3.66
N GLY F 15 12.02 -22.08 -4.15
CA GLY F 15 13.46 -22.15 -4.24
C GLY F 15 13.99 -22.79 -5.51
N ALA F 16 13.17 -23.55 -6.21
CA ALA F 16 13.62 -24.26 -7.41
C ALA F 16 13.58 -23.32 -8.62
N SER F 17 13.81 -23.87 -9.81
CA SER F 17 13.85 -23.10 -11.03
C SER F 17 13.18 -23.89 -12.15
N VAL F 18 12.54 -23.17 -13.07
CA VAL F 18 11.92 -23.78 -14.24
C VAL F 18 12.39 -23.06 -15.48
N LYS F 19 12.30 -23.76 -16.61
CA LYS F 19 12.81 -23.27 -17.89
C LYS F 19 11.69 -23.42 -18.91
N LEU F 20 11.12 -22.30 -19.34
CA LEU F 20 10.04 -22.30 -20.31
C LEU F 20 10.58 -22.08 -21.71
N SER F 21 9.91 -22.68 -22.70
CA SER F 21 10.35 -22.61 -24.07
C SER F 21 9.26 -22.01 -24.95
N CYS F 22 9.68 -21.42 -26.06
CA CYS F 22 8.75 -20.78 -27.00
C CYS F 22 9.35 -20.94 -28.39
N LYS F 23 8.88 -21.94 -29.13
CA LYS F 23 9.36 -22.19 -30.48
C LYS F 23 8.58 -21.33 -31.46
N ALA F 24 9.30 -20.56 -32.27
CA ALA F 24 8.70 -19.72 -33.28
C ALA F 24 8.76 -20.42 -34.64
N SER F 25 7.70 -20.26 -35.43
CA SER F 25 7.65 -20.75 -36.79
C SER F 25 7.12 -19.65 -37.69
N GLY F 26 7.70 -19.54 -38.88
CA GLY F 26 7.29 -18.52 -39.81
C GLY F 26 8.21 -17.31 -39.82
N TYR F 27 8.83 -17.06 -40.97
CA TYR F 27 9.70 -15.89 -41.18
C TYR F 27 10.73 -15.75 -40.07
N THR F 28 11.32 -16.88 -39.68
CA THR F 28 12.35 -16.86 -38.64
C THR F 28 13.65 -16.24 -39.14
N SER F 29 13.84 -16.15 -40.45
CA SER F 29 15.04 -15.54 -41.00
C SER F 29 15.00 -14.01 -40.94
N THR F 30 13.88 -13.43 -40.54
CA THR F 30 13.82 -12.00 -40.27
C THR F 30 14.38 -11.72 -38.87
N ASP F 31 14.57 -10.43 -38.57
CA ASP F 31 15.08 -10.02 -37.26
C ASP F 31 13.91 -9.73 -36.33
N TYR F 32 13.26 -10.81 -35.90
CA TYR F 32 12.06 -10.71 -35.07
C TYR F 32 12.43 -10.68 -33.60
N TYR F 33 11.52 -10.11 -32.79
CA TYR F 33 11.69 -10.05 -31.36
C TYR F 33 10.61 -10.86 -30.65
N ILE F 34 10.94 -11.31 -29.45
CA ILE F 34 10.02 -12.06 -28.60
C ILE F 34 9.88 -11.30 -27.28
N ASN F 35 8.64 -10.98 -26.91
CA ASN F 35 8.37 -10.31 -25.64
C ASN F 35 7.64 -11.28 -24.72
N TRP F 36 8.21 -11.50 -23.53
CA TRP F 36 7.60 -12.38 -22.54
C TRP F 36 6.71 -11.59 -21.60
N VAL F 37 5.52 -12.12 -21.33
CA VAL F 37 4.52 -11.43 -20.53
C VAL F 37 4.01 -12.36 -19.45
N LYS F 38 3.85 -11.83 -18.24
CA LYS F 38 3.33 -12.55 -17.09
C LYS F 38 1.89 -12.13 -16.85
N GLN F 39 0.99 -13.11 -16.74
CA GLN F 39 -0.40 -12.83 -16.37
C GLN F 39 -0.71 -13.57 -15.06
N ARG F 40 -0.64 -12.84 -13.97
CA ARG F 40 -1.08 -13.33 -12.67
C ARG F 40 -2.52 -12.90 -12.47
N THR F 41 -3.42 -13.88 -12.26
CA THR F 41 -4.86 -13.71 -12.28
C THR F 41 -5.35 -12.30 -11.91
N GLY F 42 -4.95 -11.81 -10.75
CA GLY F 42 -5.46 -10.54 -10.28
C GLY F 42 -4.57 -9.33 -10.53
N GLN F 43 -3.60 -9.44 -11.44
CA GLN F 43 -2.68 -8.33 -11.66
C GLN F 43 -2.46 -8.01 -13.15
N GLY F 44 -3.35 -8.46 -14.03
CA GLY F 44 -3.28 -8.03 -15.42
C GLY F 44 -2.11 -8.66 -16.17
N LEU F 45 -1.44 -7.85 -16.97
CA LEU F 45 -0.25 -8.26 -17.69
C LEU F 45 0.96 -7.51 -17.17
N GLU F 46 2.10 -8.20 -17.09
CA GLU F 46 3.35 -7.58 -16.70
C GLU F 46 4.44 -8.00 -17.65
N TRP F 47 5.18 -7.02 -18.18
CA TRP F 47 6.26 -7.28 -19.10
C TRP F 47 7.48 -7.81 -18.35
N ILE F 48 8.05 -8.90 -18.85
CA ILE F 48 9.26 -9.48 -18.27
C ILE F 48 10.50 -9.03 -19.01
N GLY F 49 10.49 -9.14 -20.34
CA GLY F 49 11.65 -8.74 -21.11
C GLY F 49 11.46 -9.05 -22.57
N GLU F 50 12.50 -8.72 -23.33
CA GLU F 50 12.52 -8.90 -24.77
C GLU F 50 13.81 -9.55 -25.20
N ILE F 51 13.74 -10.35 -26.26
CA ILE F 51 14.92 -10.98 -26.85
C ILE F 51 14.78 -10.98 -28.37
N TYR F 52 15.89 -10.74 -29.06
CA TYR F 52 15.97 -10.89 -30.50
C TYR F 52 16.75 -12.18 -30.75
N PRO F 53 16.10 -13.30 -31.05
CA PRO F 53 16.83 -14.57 -31.22
C PRO F 53 17.91 -14.51 -32.28
N GLY F 54 17.76 -13.65 -33.28
CA GLY F 54 18.76 -13.54 -34.33
C GLY F 54 20.07 -12.90 -33.89
N SER F 55 20.03 -12.06 -32.85
CA SER F 55 21.23 -11.39 -32.36
C SER F 55 21.57 -11.71 -30.91
N GLY F 56 20.64 -12.28 -30.14
CA GLY F 56 20.86 -12.49 -28.72
C GLY F 56 20.64 -11.27 -27.86
N ASN F 57 20.37 -10.11 -28.45
CA ASN F 57 20.16 -8.89 -27.68
C ASN F 57 18.93 -9.04 -26.79
N THR F 58 19.08 -8.66 -25.52
CA THR F 58 18.01 -8.76 -24.55
C THR F 58 17.73 -7.41 -23.93
N TYR F 59 16.48 -7.22 -23.50
CA TYR F 59 16.06 -6.07 -22.74
C TYR F 59 15.21 -6.60 -21.58
N TYR F 60 15.50 -6.15 -20.37
CA TYR F 60 14.85 -6.68 -19.18
C TYR F 60 14.00 -5.61 -18.51
N ASN F 61 12.93 -6.05 -17.87
CA ASN F 61 12.30 -5.28 -16.81
C ASN F 61 13.16 -5.43 -15.56
N GLU F 62 13.57 -4.29 -14.98
CA GLU F 62 14.46 -4.31 -13.83
C GLU F 62 13.92 -5.23 -12.73
N LYS F 63 12.61 -5.25 -12.55
CA LYS F 63 11.95 -6.06 -11.55
C LYS F 63 12.20 -7.56 -11.75
N PHE F 64 12.66 -7.98 -12.93
CA PHE F 64 12.86 -9.40 -13.22
C PHE F 64 14.31 -9.78 -13.50
N LYS F 65 15.23 -8.82 -13.52
CA LYS F 65 16.65 -9.15 -13.55
C LYS F 65 16.97 -10.09 -12.39
N GLY F 66 17.80 -11.10 -12.67
CA GLY F 66 18.10 -12.10 -11.66
C GLY F 66 17.01 -13.15 -11.52
N LYS F 67 15.76 -12.72 -11.55
CA LYS F 67 14.64 -13.67 -11.51
C LYS F 67 14.47 -14.36 -12.86
N ALA F 68 14.50 -13.60 -13.95
CA ALA F 68 14.33 -14.14 -15.30
C ALA F 68 15.66 -14.09 -16.05
N THR F 69 15.96 -15.19 -16.75
CA THR F 69 17.11 -15.26 -17.65
C THR F 69 16.58 -15.59 -19.03
N LEU F 70 16.90 -14.74 -20.01
CA LEU F 70 16.41 -14.88 -21.37
C LEU F 70 17.56 -15.29 -22.30
N THR F 71 17.35 -16.39 -23.03
CA THR F 71 18.24 -16.81 -24.10
C THR F 71 17.39 -17.25 -25.28
N ALA F 72 18.06 -17.66 -26.36
CA ALA F 72 17.35 -18.09 -27.57
C ALA F 72 18.31 -18.91 -28.42
N ASP F 73 17.84 -20.07 -28.88
CA ASP F 73 18.60 -20.93 -29.78
C ASP F 73 18.17 -20.61 -31.20
N LYS F 74 19.08 -20.03 -31.98
CA LYS F 74 18.77 -19.61 -33.34
C LYS F 74 18.43 -20.80 -34.23
N SER F 75 19.11 -21.93 -34.02
CA SER F 75 18.98 -23.06 -34.95
C SER F 75 17.64 -23.77 -34.80
N SER F 76 17.09 -23.83 -33.60
CA SER F 76 15.76 -24.37 -33.39
C SER F 76 14.69 -23.30 -33.31
N SER F 77 15.06 -22.04 -33.49
CA SER F 77 14.13 -20.90 -33.44
C SER F 77 13.37 -20.86 -32.12
N THR F 78 14.01 -21.29 -31.05
CA THR F 78 13.38 -21.43 -29.74
C THR F 78 13.92 -20.38 -28.78
N ALA F 79 13.03 -19.59 -28.20
CA ALA F 79 13.37 -18.67 -27.11
C ALA F 79 13.10 -19.35 -25.78
N TYR F 80 13.99 -19.13 -24.81
CA TYR F 80 13.90 -19.74 -23.50
C TYR F 80 13.80 -18.65 -22.43
N MET F 81 13.04 -18.93 -21.38
CA MET F 81 12.98 -18.07 -20.21
C MET F 81 13.07 -18.95 -18.97
N GLN F 82 14.14 -18.77 -18.19
CA GLN F 82 14.33 -19.49 -16.95
C GLN F 82 13.94 -18.60 -15.78
N LEU F 83 13.17 -19.16 -14.85
CA LEU F 83 12.77 -18.47 -13.63
C LEU F 83 13.47 -19.14 -12.45
N SER F 84 14.26 -18.38 -11.71
CA SER F 84 15.06 -18.88 -10.60
C SER F 84 14.42 -18.54 -9.27
N SER F 85 14.81 -19.29 -8.24
CA SER F 85 14.44 -19.07 -6.84
C SER F 85 12.94 -18.78 -6.72
N LEU F 86 12.16 -19.78 -7.10
CA LEU F 86 10.73 -19.57 -7.29
C LEU F 86 10.01 -19.34 -5.96
N THR F 87 9.04 -18.43 -5.99
CA THR F 87 8.14 -18.18 -4.88
C THR F 87 6.70 -18.25 -5.39
N SER F 88 5.75 -18.25 -4.45
CA SER F 88 4.34 -18.33 -4.84
C SER F 88 3.89 -17.12 -5.65
N GLU F 89 4.61 -16.01 -5.55
CA GLU F 89 4.30 -14.85 -6.38
C GLU F 89 4.64 -15.08 -7.86
N ASP F 90 5.49 -16.06 -8.15
CA ASP F 90 5.80 -16.42 -9.53
C ASP F 90 4.71 -17.26 -10.17
N SER F 91 3.76 -17.77 -9.40
CA SER F 91 2.66 -18.55 -9.95
C SER F 91 1.83 -17.67 -10.87
N ALA F 92 1.82 -18.01 -12.16
CA ALA F 92 1.12 -17.23 -13.17
C ALA F 92 1.12 -18.03 -14.47
N VAL F 93 0.45 -17.47 -15.48
CA VAL F 93 0.54 -17.95 -16.85
C VAL F 93 1.49 -17.04 -17.60
N TYR F 94 2.46 -17.62 -18.29
CA TYR F 94 3.48 -16.87 -19.00
C TYR F 94 3.26 -16.98 -20.49
N PHE F 95 3.21 -15.83 -21.17
CA PHE F 95 3.04 -15.78 -22.62
C PHE F 95 4.31 -15.27 -23.27
N CYS F 96 4.71 -15.92 -24.36
CA CYS F 96 5.67 -15.32 -25.28
C CYS F 96 4.89 -14.73 -26.43
N THR F 97 5.37 -13.59 -26.94
CA THR F 97 4.69 -12.86 -27.99
C THR F 97 5.70 -12.45 -29.04
N ARG F 98 5.18 -12.04 -30.21
CA ARG F 98 6.04 -11.65 -31.31
C ARG F 98 5.37 -10.51 -32.06
N GLY F 99 6.18 -9.65 -32.68
CA GLY F 99 5.68 -8.60 -33.52
C GLY F 99 5.31 -9.12 -34.90
N GLY F 100 4.81 -8.20 -35.73
CA GLY F 100 4.42 -8.55 -37.07
C GLY F 100 5.60 -8.60 -38.02
N VAL F 101 5.44 -9.40 -39.08
CA VAL F 101 6.50 -9.55 -40.07
C VAL F 101 6.64 -8.25 -40.85
N TYR F 102 7.85 -7.68 -40.81
CA TYR F 102 8.17 -6.42 -41.51
C TYR F 102 7.37 -5.24 -40.97
N TYR F 103 7.00 -5.30 -39.69
CA TYR F 103 6.31 -4.19 -39.05
C TYR F 103 7.32 -3.15 -38.57
N GLY F 104 6.89 -1.90 -38.54
CA GLY F 104 7.73 -0.85 -38.01
C GLY F 104 7.72 -0.83 -36.50
N TYR F 105 8.57 0.04 -35.93
CA TYR F 105 8.65 0.19 -34.45
C TYR F 105 7.41 0.90 -33.93
N ASP F 106 6.79 1.73 -34.78
CA ASP F 106 5.59 2.50 -34.42
C ASP F 106 4.36 1.58 -34.48
N ASP F 107 4.57 0.29 -34.73
CA ASP F 107 3.42 -0.64 -34.86
C ASP F 107 3.24 -1.47 -33.59
N ALA F 108 2.11 -2.13 -33.48
CA ALA F 108 1.83 -3.01 -32.33
C ALA F 108 2.88 -4.12 -32.20
N TRP F 109 3.47 -4.24 -31.02
CA TRP F 109 4.52 -5.27 -30.77
C TRP F 109 3.91 -6.61 -30.38
N PHE F 110 2.62 -6.63 -30.04
CA PHE F 110 2.04 -7.87 -29.54
C PHE F 110 1.07 -8.44 -30.58
N VAL F 111 1.62 -8.86 -31.71
CA VAL F 111 0.81 -9.35 -32.82
C VAL F 111 0.51 -10.84 -32.70
N TYR F 112 1.54 -11.64 -32.43
CA TYR F 112 1.40 -13.09 -32.32
C TYR F 112 1.62 -13.52 -30.87
N TRP F 113 0.82 -14.49 -30.42
CA TRP F 113 0.86 -14.94 -29.04
C TRP F 113 0.97 -16.46 -28.97
N GLY F 114 1.85 -16.93 -28.09
CA GLY F 114 1.81 -18.33 -27.71
C GLY F 114 0.56 -18.65 -26.92
N GLN F 115 0.33 -19.94 -26.68
CA GLN F 115 -0.86 -20.34 -25.95
C GLN F 115 -0.69 -20.21 -24.44
N GLY F 116 0.49 -19.88 -23.96
CA GLY F 116 0.70 -19.69 -22.53
C GLY F 116 1.19 -20.93 -21.84
N THR F 117 2.04 -20.73 -20.83
CA THR F 117 2.53 -21.79 -19.97
C THR F 117 2.19 -21.43 -18.54
N LEU F 118 1.43 -22.31 -17.88
CA LEU F 118 1.08 -22.10 -16.48
C LEU F 118 2.18 -22.64 -15.58
N VAL F 119 2.66 -21.80 -14.67
CA VAL F 119 3.66 -22.19 -13.67
C VAL F 119 3.01 -22.07 -12.30
N THR F 120 3.01 -23.17 -11.55
CA THR F 120 2.48 -23.19 -10.19
C THR F 120 3.61 -23.49 -9.23
N VAL F 121 3.89 -22.56 -8.33
CA VAL F 121 4.91 -22.72 -7.31
C VAL F 121 4.22 -22.99 -5.98
N SER F 122 4.48 -24.16 -5.40
CA SER F 122 3.83 -24.53 -4.15
C SER F 122 4.66 -25.60 -3.44
N ALA F 123 4.73 -25.49 -2.12
CA ALA F 123 5.37 -26.50 -1.30
C ALA F 123 4.41 -27.63 -0.91
N ALA F 124 3.14 -27.52 -1.28
CA ALA F 124 2.11 -28.43 -0.79
C ALA F 124 2.33 -29.85 -1.28
N LYS F 125 2.00 -30.80 -0.42
CA LYS F 125 1.95 -32.20 -0.80
C LYS F 125 0.57 -32.54 -1.35
N THR F 126 0.51 -33.60 -2.14
CA THR F 126 -0.76 -34.04 -2.71
C THR F 126 -1.77 -34.31 -1.60
N THR F 127 -2.88 -33.58 -1.64
CA THR F 127 -3.88 -33.64 -0.59
C THR F 127 -5.26 -33.85 -1.21
N ALA F 128 -6.04 -34.72 -0.60
CA ALA F 128 -7.38 -35.04 -1.08
C ALA F 128 -8.37 -33.97 -0.62
N PRO F 129 -9.50 -33.83 -1.31
CA PRO F 129 -10.47 -32.81 -0.92
C PRO F 129 -11.41 -33.32 0.16
N SER F 130 -11.65 -32.47 1.15
CA SER F 130 -12.76 -32.67 2.06
C SER F 130 -14.02 -32.09 1.43
N VAL F 131 -15.05 -32.92 1.32
CA VAL F 131 -16.27 -32.57 0.60
C VAL F 131 -17.43 -32.50 1.59
N TYR F 132 -18.14 -31.38 1.61
CA TYR F 132 -19.20 -31.14 2.56
C TYR F 132 -20.49 -30.74 1.85
N PRO F 133 -21.63 -31.14 2.40
CA PRO F 133 -22.91 -30.73 1.80
C PRO F 133 -23.31 -29.34 2.25
N LEU F 134 -23.97 -28.62 1.34
CA LEU F 134 -24.44 -27.26 1.59
C LEU F 134 -25.96 -27.23 1.47
N ALA F 135 -26.61 -26.78 2.54
CA ALA F 135 -28.08 -26.71 2.71
C ALA F 135 -28.91 -27.46 1.66
N SER F 144 -40.14 -21.62 -5.63
CA SER F 144 -40.53 -23.01 -5.74
C SER F 144 -39.34 -23.89 -6.07
N SER F 145 -38.15 -23.40 -5.77
CA SER F 145 -36.91 -24.11 -6.07
C SER F 145 -35.94 -23.96 -4.90
N VAL F 146 -35.13 -25.00 -4.70
CA VAL F 146 -34.15 -25.05 -3.61
C VAL F 146 -32.76 -25.15 -4.22
N THR F 147 -31.89 -24.21 -3.87
CA THR F 147 -30.52 -24.19 -4.35
C THR F 147 -29.64 -24.99 -3.39
N LEU F 148 -29.13 -26.12 -3.85
CA LEU F 148 -28.24 -26.95 -3.05
C LEU F 148 -26.79 -26.63 -3.40
N GLY F 149 -25.87 -27.25 -2.68
CA GLY F 149 -24.47 -26.94 -2.88
C GLY F 149 -23.57 -28.08 -2.46
N CYS F 150 -22.30 -27.93 -2.84
CA CYS F 150 -21.26 -28.91 -2.53
C CYS F 150 -19.94 -28.18 -2.44
N LEU F 151 -19.31 -28.22 -1.26
CA LEU F 151 -18.05 -27.54 -1.03
C LEU F 151 -16.91 -28.54 -1.10
N VAL F 152 -15.89 -28.22 -1.89
CA VAL F 152 -14.76 -29.09 -2.16
C VAL F 152 -13.52 -28.34 -1.67
N LYS F 153 -13.01 -28.71 -0.50
CA LYS F 153 -12.08 -27.87 0.25
C LYS F 153 -10.76 -28.59 0.50
N GLY F 154 -9.66 -27.87 0.27
CA GLY F 154 -8.36 -28.31 0.72
C GLY F 154 -7.67 -29.36 -0.11
N TYR F 155 -7.85 -29.33 -1.43
CA TYR F 155 -7.20 -30.31 -2.30
C TYR F 155 -6.00 -29.68 -3.02
N PHE F 156 -5.12 -30.55 -3.48
CA PHE F 156 -3.93 -30.14 -4.24
C PHE F 156 -3.36 -31.33 -4.99
N PRO F 157 -3.02 -31.18 -6.28
CA PRO F 157 -3.18 -29.97 -7.10
C PRO F 157 -4.54 -29.94 -7.77
N GLU F 158 -4.72 -28.98 -8.67
CA GLU F 158 -5.83 -29.06 -9.60
C GLU F 158 -5.60 -30.25 -10.52
N PRO F 159 -6.67 -30.81 -11.11
CA PRO F 159 -8.07 -30.44 -10.97
C PRO F 159 -8.88 -31.41 -10.13
N VAL F 160 -10.09 -31.00 -9.78
CA VAL F 160 -11.13 -31.91 -9.30
C VAL F 160 -12.17 -32.00 -10.40
N THR F 161 -12.82 -33.16 -10.47
CA THR F 161 -14.00 -33.33 -11.31
C THR F 161 -15.22 -33.39 -10.40
N LEU F 162 -16.15 -32.47 -10.61
CA LEU F 162 -17.38 -32.44 -9.83
C LEU F 162 -18.56 -32.72 -10.76
N THR F 163 -19.38 -33.69 -10.39
CA THR F 163 -20.63 -33.98 -11.07
C THR F 163 -21.73 -34.13 -10.02
N TRP F 164 -22.97 -34.14 -10.50
CA TRP F 164 -24.14 -34.36 -9.67
C TRP F 164 -24.84 -35.62 -10.16
N ASN F 165 -25.05 -36.57 -9.26
CA ASN F 165 -25.69 -37.85 -9.57
C ASN F 165 -24.97 -38.54 -10.73
N SER F 166 -23.65 -38.70 -10.58
CA SER F 166 -22.81 -39.41 -11.55
C SER F 166 -22.89 -38.78 -12.94
N GLY F 167 -23.06 -37.47 -13.01
CA GLY F 167 -23.17 -36.76 -14.26
C GLY F 167 -24.57 -36.68 -14.85
N SER F 168 -25.55 -37.36 -14.25
CA SER F 168 -26.90 -37.38 -14.77
C SER F 168 -27.68 -36.10 -14.48
N LEU F 169 -27.15 -35.21 -13.65
CA LEU F 169 -27.78 -33.93 -13.34
C LEU F 169 -26.83 -32.83 -13.79
N SER F 170 -27.19 -32.14 -14.87
CA SER F 170 -26.35 -31.08 -15.43
C SER F 170 -27.07 -29.75 -15.63
N SER F 171 -28.39 -29.73 -15.70
CA SER F 171 -29.12 -28.47 -15.81
C SER F 171 -29.25 -27.81 -14.44
N GLY F 172 -29.24 -26.48 -14.43
CA GLY F 172 -29.31 -25.74 -13.19
C GLY F 172 -28.09 -25.85 -12.32
N VAL F 173 -26.93 -26.19 -12.91
CA VAL F 173 -25.69 -26.39 -12.17
C VAL F 173 -24.76 -25.21 -12.43
N HIS F 174 -24.18 -24.69 -11.36
CA HIS F 174 -23.08 -23.73 -11.45
C HIS F 174 -21.89 -24.30 -10.69
N THR F 175 -20.74 -24.36 -11.34
CA THR F 175 -19.51 -24.85 -10.73
C THR F 175 -18.45 -23.78 -10.86
N PHE F 176 -18.03 -23.24 -9.72
CA PHE F 176 -17.22 -22.03 -9.65
C PHE F 176 -15.73 -22.35 -9.69
N PRO F 177 -14.90 -21.40 -10.13
CA PRO F 177 -13.46 -21.66 -10.23
C PRO F 177 -12.84 -21.92 -8.87
N ALA F 178 -11.75 -22.68 -8.89
CA ALA F 178 -11.03 -22.97 -7.66
C ALA F 178 -10.29 -21.72 -7.17
N VAL F 179 -10.31 -21.51 -5.86
CA VAL F 179 -9.54 -20.47 -5.22
C VAL F 179 -8.55 -21.14 -4.28
N LEU F 180 -7.47 -20.42 -3.99
CA LEU F 180 -6.41 -20.91 -3.10
C LEU F 180 -6.65 -20.38 -1.71
N GLN F 181 -6.84 -21.29 -0.75
CA GLN F 181 -6.99 -20.93 0.66
C GLN F 181 -5.96 -21.72 1.46
N SER F 182 -5.09 -20.99 2.15
CA SER F 182 -4.06 -21.59 2.99
C SER F 182 -3.27 -22.66 2.24
N ASP F 183 -2.81 -22.28 1.04
CA ASP F 183 -1.94 -23.07 0.17
C ASP F 183 -2.60 -24.31 -0.40
N LEU F 184 -3.92 -24.45 -0.25
CA LEU F 184 -4.66 -25.54 -0.87
C LEU F 184 -5.87 -24.96 -1.59
N TYR F 185 -6.39 -25.72 -2.54
CA TYR F 185 -7.47 -25.24 -3.41
C TYR F 185 -8.82 -25.55 -2.80
N THR F 186 -9.77 -24.64 -3.04
CA THR F 186 -11.14 -24.82 -2.61
C THR F 186 -12.08 -24.45 -3.75
N LEU F 187 -13.08 -25.30 -3.95
CA LEU F 187 -14.05 -25.14 -5.03
C LEU F 187 -15.43 -25.44 -4.48
N SER F 188 -16.44 -24.84 -5.08
CA SER F 188 -17.82 -25.14 -4.71
C SER F 188 -18.67 -25.21 -5.95
N SER F 189 -19.76 -25.98 -5.86
CA SER F 189 -20.73 -26.09 -6.93
C SER F 189 -22.13 -26.01 -6.33
N SER F 190 -23.07 -25.56 -7.15
CA SER F 190 -24.45 -25.43 -6.71
C SER F 190 -25.38 -25.95 -7.79
N VAL F 191 -26.47 -26.58 -7.36
CA VAL F 191 -27.50 -27.07 -8.26
C VAL F 191 -28.86 -26.66 -7.70
N THR F 192 -29.71 -26.13 -8.56
CA THR F 192 -31.05 -25.71 -8.19
C THR F 192 -32.08 -26.59 -8.87
N VAL F 193 -33.07 -27.04 -8.10
CA VAL F 193 -34.08 -27.99 -8.56
C VAL F 193 -35.43 -27.58 -8.00
N THR F 194 -36.49 -28.23 -8.50
CA THR F 194 -37.83 -27.98 -8.00
C THR F 194 -37.94 -28.41 -6.54
N SER F 195 -38.45 -27.49 -5.70
CA SER F 195 -38.45 -27.72 -4.26
C SER F 195 -39.30 -28.92 -3.86
N SER F 196 -40.29 -29.28 -4.67
CA SER F 196 -41.14 -30.41 -4.34
C SER F 196 -40.50 -31.76 -4.67
N THR F 197 -39.37 -31.76 -5.39
CA THR F 197 -38.74 -33.00 -5.84
C THR F 197 -37.42 -33.32 -5.16
N TRP F 198 -36.76 -32.32 -4.54
CA TRP F 198 -35.55 -32.64 -3.79
C TRP F 198 -35.84 -33.46 -2.54
N PRO F 199 -36.84 -33.11 -1.70
CA PRO F 199 -37.22 -34.05 -0.64
C PRO F 199 -37.33 -35.48 -1.15
N SER F 200 -37.98 -35.68 -2.29
CA SER F 200 -38.26 -37.00 -2.85
C SER F 200 -37.04 -37.70 -3.43
N GLN F 201 -36.23 -37.01 -4.24
CA GLN F 201 -35.17 -37.65 -5.02
C GLN F 201 -33.80 -37.36 -4.43
N SER F 202 -32.94 -38.38 -4.45
CA SER F 202 -31.60 -38.24 -3.88
C SER F 202 -30.71 -37.44 -4.82
N ILE F 203 -30.09 -36.38 -4.30
CA ILE F 203 -29.12 -35.57 -5.02
C ILE F 203 -27.77 -35.74 -4.34
N THR F 204 -26.75 -36.08 -5.12
CA THR F 204 -25.43 -36.40 -4.58
C THR F 204 -24.36 -35.77 -5.45
N CYS F 205 -23.46 -35.01 -4.84
CA CYS F 205 -22.34 -34.45 -5.58
C CYS F 205 -21.17 -35.43 -5.52
N ASN F 206 -20.77 -35.92 -6.69
CA ASN F 206 -19.63 -36.81 -6.83
C ASN F 206 -18.42 -35.98 -7.20
N VAL F 207 -17.32 -36.21 -6.49
CA VAL F 207 -16.10 -35.42 -6.63
C VAL F 207 -14.93 -36.37 -6.78
N ALA F 208 -14.21 -36.24 -7.90
CA ALA F 208 -12.99 -37.02 -8.14
C ALA F 208 -11.80 -36.09 -8.05
N HIS F 209 -10.74 -36.55 -7.38
CA HIS F 209 -9.46 -35.87 -7.32
C HIS F 209 -8.39 -36.87 -7.73
N PRO F 210 -8.16 -37.04 -9.03
CA PRO F 210 -7.28 -38.13 -9.50
C PRO F 210 -5.86 -38.08 -8.96
N ALA F 211 -5.37 -36.91 -8.55
CA ALA F 211 -4.00 -36.81 -8.08
C ALA F 211 -3.79 -37.61 -6.80
N SER F 212 -4.83 -37.75 -5.98
CA SER F 212 -4.81 -38.70 -4.87
C SER F 212 -5.70 -39.91 -5.15
N SER F 213 -6.04 -40.14 -6.42
CA SER F 213 -6.84 -41.28 -6.86
C SER F 213 -8.17 -41.35 -6.11
N THR F 214 -8.69 -40.20 -5.69
CA THR F 214 -9.82 -40.13 -4.77
C THR F 214 -11.14 -40.02 -5.51
N LYS F 215 -12.17 -40.68 -4.99
CA LYS F 215 -13.54 -40.56 -5.45
C LYS F 215 -14.45 -40.55 -4.24
N VAL F 216 -15.40 -39.61 -4.22
CA VAL F 216 -16.26 -39.38 -3.04
C VAL F 216 -17.68 -39.07 -3.51
N ASP F 217 -18.66 -39.62 -2.80
CA ASP F 217 -20.07 -39.30 -2.99
C ASP F 217 -20.57 -38.59 -1.74
N LYS F 218 -21.15 -37.40 -1.94
CA LYS F 218 -21.66 -36.59 -0.83
C LYS F 218 -23.16 -36.43 -1.03
N LYS F 219 -23.94 -37.27 -0.34
CA LYS F 219 -25.40 -37.19 -0.37
C LYS F 219 -25.84 -35.94 0.39
N ILE F 220 -26.56 -35.06 -0.30
CA ILE F 220 -27.11 -33.86 0.34
C ILE F 220 -28.29 -34.29 1.22
N GLU F 221 -28.22 -33.93 2.49
CA GLU F 221 -29.33 -34.19 3.39
C GLU F 221 -29.97 -32.87 3.84
N PRO F 222 -31.29 -32.85 4.03
CA PRO F 222 -31.92 -31.65 4.60
C PRO F 222 -31.44 -31.43 6.03
N ARG F 223 -31.23 -30.17 6.36
CA ARG F 223 -30.75 -29.79 7.69
C ARG F 223 -31.84 -30.05 8.74
N1 OOX G . -2.64 29.76 -1.74
C4 OOX G . -1.07 31.83 -2.95
C5 OOX G . 0.07 32.57 -3.72
C6 OOX G . 1.08 33.24 -2.80
C7 OOX G . 1.36 32.57 -1.49
C8 OOX G . 0.08 32.22 -0.74
C10 OOX G . -2.12 30.88 -0.94
C13 OOX G . -1.99 32.99 -2.77
C15 OOX G . -2.52 35.08 -3.81
C17 OOX G . -3.74 34.30 -1.90
C1 OOX G . -3.84 29.16 -1.14
C11 OOX G . -3.09 32.08 -0.76
C12 OOX G . -2.98 33.14 -1.81
C14 OOX G . -1.74 33.93 -3.73
C16 OOX G . -3.53 35.26 -2.87
C18 OOX G . -3.02 37.12 -4.94
C2 OOX G . -2.93 30.13 -3.14
C3 OOX G . -1.71 30.72 -3.82
C9 OOX G . -0.75 31.25 -1.57
O1 OOX G . 1.64 34.27 -3.14
O2 OOX G . -2.23 35.94 -4.82
O3 OOX G . -0.63 33.61 -4.49
O4 OOX G . 0.00 30.04 -1.73
N1 OOX H . 44.49 10.55 -9.68
C4 OOX H . 46.08 12.55 -11.01
C5 OOX H . 47.17 13.20 -11.90
C6 OOX H . 48.40 13.67 -11.12
C7 OOX H . 48.76 12.91 -9.88
C8 OOX H . 47.56 12.68 -8.96
C10 OOX H . 45.23 11.57 -8.91
C13 OOX H . 45.34 13.79 -10.62
C15 OOX H . 44.97 16.02 -11.41
C17 OOX H . 43.94 15.22 -9.38
C1 OOX H . 43.37 9.99 -8.93
C11 OOX H . 44.42 12.84 -8.53
C12 OOX H . 44.53 13.97 -9.51
C14 OOX H . 45.59 14.77 -11.54
C16 OOX H . 44.14 16.24 -10.32
C18 OOX H . 44.82 18.29 -12.13
C2 OOX H . 44.03 11.07 -10.98
C3 OOX H . 45.19 11.58 -11.82
C9 OOX H . 46.52 11.85 -9.72
O1 OOX H . 49.06 14.60 -11.52
O2 OOX H . 45.24 16.94 -12.38
O3 OOX H . 46.50 14.39 -12.48
O4 OOX H . 47.14 10.59 -10.03
N1 OOX I . 10.08 -3.76 -29.07
C4 OOX I . 11.98 -2.01 -30.32
C5 OOX I . 13.12 -1.43 -31.20
C6 OOX I . 14.43 -1.19 -30.46
C7 OOX I . 14.39 -1.24 -28.96
C8 OOX I . 13.60 -2.42 -28.39
C10 OOX I . 11.09 -3.02 -28.27
C13 OOX I . 11.46 -0.71 -29.79
C15 OOX I . 11.38 1.62 -30.37
C17 OOX I . 10.38 0.81 -28.34
C1 OOX I . 8.89 -4.06 -28.29
C11 OOX I . 10.60 -1.67 -27.68
C12 OOX I . 10.77 -0.50 -28.61
C14 OOX I . 11.78 0.31 -30.65
C16 OOX I . 10.66 1.85 -29.21
C18 OOX I . 11.87 3.91 -30.77
C2 OOX I . 9.70 -3.07 -30.32
C3 OOX I . 10.91 -2.72 -31.17
C9 OOX I . 12.36 -2.92 -29.15
O1 OOX I . 15.45 -0.95 -31.07
O2 OOX I . 11.75 2.58 -31.26
O3 OOX I . 12.61 -0.13 -31.66
O4 OOX I . 12.66 -4.24 -29.64
#